data_9B44
#
_entry.id   9B44
#
_cell.length_a   41.874
_cell.length_b   77.699
_cell.length_c   266.152
_cell.angle_alpha   90.00
_cell.angle_beta   90.00
_cell.angle_gamma   90.00
#
_symmetry.space_group_name_H-M   'P 21 21 21'
#
loop_
_entity.id
_entity.type
_entity.pdbx_description
1 polymer 'MLK8-24 Fab Heavy Chain'
2 polymer 'MLK8-24 Fab Light Chain'
3 non-polymer 1,2-ETHANEDIOL
4 water water
#
loop_
_entity_poly.entity_id
_entity_poly.type
_entity_poly.pdbx_seq_one_letter_code
_entity_poly.pdbx_strand_id
1 'polypeptide(L)'
;(PCA)VQLVQSGPEVKEPGASVRVSCKATGYTFTDHFIHWVRQAPGQGLDWMGWINPFRGGTNYPQKFQGRVTMTRDTSF
TTAYMELNRLRSDDTAVYFCARGKNSDYNWDFQHWGQGTLVTVSSASTKGPSVFPLAPSSKSTSGGTAALGCLVKDYFPE
PVTVSWNSGALTSGVHTFPAVLQSSGLYSLSSVVTVPSSSLGTQTYICNVNHKPSNTKVDKRVEPKSCDKTHHHHHH
;
A,H
2 'polypeptide(L)'
;DIVMSQSPSSLAVSLGERITLSCKSSLTLIYSYNGENYLAWYQQKPGQSPKLLIYSTSTRESGVPDRFTGSGSGTDFTLT
ISSVKAEDLAVYYCQQYEYFGGGTKLEIKRTVAAPSVFIFPPSDEQLKSGTASVVCLLNNFYPREAKVQWKVDNALQSGN
SQESVTEQDSKDSTYSLSSTLTLSKADYEKHKVYACEVTHQGLSSPVTKSFNRGEC
;
B,L
#
loop_
_chem_comp.id
_chem_comp.type
_chem_comp.name
_chem_comp.formula
EDO non-polymer 1,2-ETHANEDIOL 'C2 H6 O2'
#
# COMPACT_ATOMS: atom_id res chain seq x y z
N PCA A 1 46.19 -1.25 25.76
CA PCA A 1 45.53 -0.26 24.93
CB PCA A 1 44.49 -0.91 24.01
CG PCA A 1 44.08 -2.17 24.75
CD PCA A 1 45.27 -2.36 25.64
OE PCA A 1 45.45 -3.41 26.23
C PCA A 1 44.83 0.79 25.79
O PCA A 1 44.38 0.50 26.91
N VAL A 2 44.72 2.02 25.26
CA VAL A 2 43.86 3.03 25.88
C VAL A 2 42.44 2.49 25.94
N GLN A 3 41.88 2.44 27.13
CA GLN A 3 40.54 1.94 27.31
C GLN A 3 39.78 2.88 28.23
N LEU A 4 38.57 3.27 27.83
CA LEU A 4 37.72 4.10 28.65
C LEU A 4 36.42 3.35 28.90
N VAL A 5 36.13 3.09 30.16
CA VAL A 5 34.99 2.26 30.52
C VAL A 5 34.08 3.08 31.43
N GLN A 6 32.82 3.23 31.04
CA GLN A 6 31.91 4.10 31.77
C GLN A 6 30.95 3.34 32.67
N SER A 7 30.37 4.05 33.64
CA SER A 7 29.39 3.42 34.52
C SER A 7 28.09 3.12 33.76
N GLY A 8 27.17 2.43 34.47
CA GLY A 8 25.96 1.89 33.85
C GLY A 8 24.86 2.92 33.71
N PRO A 9 23.73 2.49 33.11
CA PRO A 9 22.65 3.43 32.82
C PRO A 9 22.02 3.98 34.08
N GLU A 10 21.52 5.21 33.97
CA GLU A 10 20.91 5.91 35.08
C GLU A 10 19.52 6.39 34.70
N VAL A 11 18.65 6.48 35.70
CA VAL A 11 17.34 7.08 35.57
C VAL A 11 17.21 8.12 36.68
N LYS A 12 16.87 9.36 36.31
CA LYS A 12 16.81 10.43 37.30
C LYS A 12 15.55 11.27 37.08
N GLU A 13 15.02 11.82 38.15
CA GLU A 13 13.87 12.70 38.03
C GLU A 13 14.32 14.11 37.67
N PRO A 14 13.43 14.88 37.02
CA PRO A 14 13.74 16.29 36.75
C PRO A 14 14.16 17.00 38.02
N GLY A 15 15.18 17.87 37.88
CA GLY A 15 15.74 18.57 39.03
C GLY A 15 16.80 17.82 39.80
N ALA A 16 16.94 16.52 39.61
CA ALA A 16 17.96 15.76 40.31
C ALA A 16 19.32 15.94 39.63
N SER A 17 20.30 15.22 40.12
CA SER A 17 21.64 15.18 39.55
C SER A 17 22.00 13.75 39.20
N VAL A 18 22.90 13.62 38.23
CA VAL A 18 23.48 12.33 37.89
C VAL A 18 25.00 12.50 37.83
N ARG A 19 25.72 11.44 38.14
CA ARG A 19 27.18 11.48 38.14
C ARG A 19 27.65 10.29 37.34
N VAL A 20 28.29 10.53 36.20
CA VAL A 20 28.74 9.45 35.33
C VAL A 20 30.25 9.34 35.44
N SER A 21 30.74 8.10 35.51
CA SER A 21 32.16 7.83 35.71
C SER A 21 32.78 7.20 34.47
N CYS A 22 34.04 7.55 34.24
CA CYS A 22 34.83 7.11 33.10
C CYS A 22 36.16 6.61 33.65
N LYS A 23 36.35 5.30 33.68
CA LYS A 23 37.61 4.75 34.13
C LYS A 23 38.54 4.59 32.94
N ALA A 24 39.71 5.22 33.03
CA ALA A 24 40.68 5.24 31.95
C ALA A 24 41.87 4.38 32.33
N THR A 25 42.19 3.40 31.52
CA THR A 25 43.33 2.53 31.77
C THR A 25 44.18 2.45 30.52
N GLY A 26 45.41 1.94 30.70
CA GLY A 26 46.27 1.63 29.59
C GLY A 26 47.17 2.75 29.15
N TYR A 27 47.29 3.80 29.95
CA TYR A 27 48.19 4.91 29.64
C TYR A 27 48.37 5.71 30.93
N THR A 28 49.30 6.65 30.90
CA THR A 28 49.51 7.52 32.05
C THR A 28 48.33 8.47 32.18
N PHE A 29 47.52 8.26 33.23
CA PHE A 29 46.23 8.95 33.36
C PHE A 29 46.39 10.48 33.30
N THR A 30 47.40 11.04 33.98
CA THR A 30 47.55 12.48 34.10
C THR A 30 48.13 13.15 32.87
N ASP A 31 48.42 12.39 31.81
CA ASP A 31 49.03 12.91 30.59
C ASP A 31 48.02 13.42 29.56
N HIS A 32 46.72 13.16 29.73
CA HIS A 32 45.72 13.54 28.74
C HIS A 32 44.49 14.09 29.41
N PHE A 33 43.89 15.09 28.77
CA PHE A 33 42.58 15.59 29.16
C PHE A 33 41.52 14.53 28.91
N ILE A 34 40.50 14.52 29.75
CA ILE A 34 39.32 13.70 29.53
C ILE A 34 38.17 14.63 29.13
N HIS A 35 37.51 14.30 28.04
CA HIS A 35 36.37 15.09 27.56
C HIS A 35 35.07 14.33 27.78
N TRP A 36 33.98 15.08 27.75
CA TRP A 36 32.65 14.51 27.83
C TRP A 36 31.80 15.05 26.69
N VAL A 37 31.16 14.13 25.98
CA VAL A 37 30.38 14.44 24.77
C VAL A 37 29.06 13.71 24.90
N ARG A 38 27.96 14.42 24.67
CA ARG A 38 26.69 13.73 24.80
C ARG A 38 25.93 13.78 23.47
N GLN A 39 24.94 12.90 23.39
CA GLN A 39 24.24 12.71 22.13
C GLN A 39 22.81 12.36 22.52
N ALA A 40 21.93 13.35 22.46
CA ALA A 40 20.51 13.08 22.71
C ALA A 40 19.96 12.12 21.64
N PRO A 41 18.81 11.48 21.92
CA PRO A 41 18.32 10.42 21.01
C PRO A 41 18.09 10.94 19.61
N GLY A 42 18.79 10.35 18.64
CA GLY A 42 18.68 10.75 17.26
C GLY A 42 19.35 12.07 16.90
N GLN A 43 20.13 12.66 17.80
CA GLN A 43 20.77 13.96 17.58
C GLN A 43 22.28 13.79 17.39
N GLY A 44 22.96 14.93 17.21
CA GLY A 44 24.39 14.97 17.01
C GLY A 44 25.21 14.94 18.30
N LEU A 45 26.52 15.11 18.12
CA LEU A 45 27.44 15.11 19.25
C LEU A 45 27.51 16.50 19.86
N ASP A 46 27.51 16.57 21.20
CA ASP A 46 27.49 17.83 21.94
C ASP A 46 28.57 17.82 23.02
N TRP A 47 29.63 18.62 22.80
CA TRP A 47 30.74 18.68 23.76
C TRP A 47 30.34 19.40 25.04
N MET A 48 30.64 18.77 26.17
CA MET A 48 30.20 19.24 27.47
C MET A 48 31.32 19.81 28.32
N GLY A 49 32.58 19.61 27.95
CA GLY A 49 33.67 20.16 28.74
C GLY A 49 34.80 19.18 28.88
N TRP A 50 35.92 19.62 29.48
CA TRP A 50 37.05 18.74 29.67
C TRP A 50 37.65 18.97 31.06
N ILE A 51 38.37 17.96 31.53
CA ILE A 51 39.14 18.07 32.75
C ILE A 51 40.56 17.62 32.47
N ASN A 52 41.51 18.33 33.09
CA ASN A 52 42.90 17.95 33.10
C ASN A 52 43.14 17.21 34.40
N PRO A 53 43.32 15.89 34.36
CA PRO A 53 43.49 15.12 35.61
C PRO A 53 44.74 15.51 36.41
N PHE A 54 45.67 16.24 35.79
CA PHE A 54 46.93 16.56 36.45
C PHE A 54 46.69 17.36 37.75
N ARG A 55 45.92 18.45 37.67
CA ARG A 55 45.51 19.13 38.90
C ARG A 55 44.01 19.40 38.93
N GLY A 56 43.20 18.67 38.14
CA GLY A 56 41.76 18.82 38.22
C GLY A 56 41.16 20.06 37.58
N GLY A 57 41.92 20.80 36.78
CA GLY A 57 41.38 22.00 36.18
C GLY A 57 40.41 21.69 35.06
N THR A 58 39.42 22.56 34.88
CA THR A 58 38.30 22.27 33.99
C THR A 58 37.98 23.47 33.09
N ASN A 59 37.26 23.15 32.02
CA ASN A 59 36.66 24.15 31.15
C ASN A 59 35.34 23.57 30.65
N TYR A 60 34.32 24.41 30.61
CA TYR A 60 33.01 24.00 30.17
C TYR A 60 32.51 24.95 29.08
N PRO A 61 31.64 24.48 28.20
CA PRO A 61 30.99 25.40 27.26
C PRO A 61 29.96 26.25 27.98
N GLN A 62 29.65 27.41 27.38
CA GLN A 62 28.64 28.31 27.95
C GLN A 62 27.28 27.63 28.11
N LYS A 63 26.91 26.72 27.20
CA LYS A 63 25.59 26.13 27.31
C LYS A 63 25.43 25.26 28.57
N PHE A 64 26.54 24.83 29.19
CA PHE A 64 26.48 24.01 30.39
C PHE A 64 27.13 24.65 31.62
N GLN A 65 27.86 25.76 31.48
CA GLN A 65 28.83 26.21 32.49
C GLN A 65 28.35 26.06 33.94
N GLY A 66 27.17 26.57 34.26
CA GLY A 66 26.76 26.54 35.64
C GLY A 66 26.11 25.25 36.10
N ARG A 67 26.16 24.19 35.30
CA ARG A 67 25.32 23.03 35.54
C ARG A 67 26.12 21.74 35.57
N VAL A 68 27.24 21.72 34.88
CA VAL A 68 28.09 20.54 34.79
C VAL A 68 29.31 20.72 35.70
N THR A 69 29.71 19.63 36.36
CA THR A 69 30.87 19.65 37.24
C THR A 69 31.71 18.41 36.94
N MET A 70 32.93 18.63 36.46
CA MET A 70 33.85 17.53 36.22
C MET A 70 34.92 17.46 37.30
N THR A 71 35.23 16.23 37.70
CA THR A 71 36.22 15.94 38.72
C THR A 71 36.97 14.69 38.29
N ARG A 72 38.03 14.37 39.02
CA ARG A 72 38.76 13.13 38.76
C ARG A 72 39.25 12.57 40.08
N ASP A 73 39.45 11.26 40.09
CA ASP A 73 40.17 10.57 41.17
C ASP A 73 41.41 9.94 40.54
N THR A 74 42.56 10.57 40.73
CA THR A 74 43.76 10.12 40.03
C THR A 74 44.20 8.74 40.51
N SER A 75 44.04 8.46 41.81
CA SER A 75 44.43 7.14 42.30
C SER A 75 43.61 6.03 41.67
N PHE A 76 42.36 6.29 41.30
CA PHE A 76 41.48 5.31 40.68
C PHE A 76 41.40 5.48 39.16
N THR A 77 42.27 6.31 38.58
CA THR A 77 42.27 6.64 37.17
C THR A 77 40.85 6.74 36.58
N THR A 78 40.02 7.59 37.21
CA THR A 78 38.62 7.74 36.80
C THR A 78 38.25 9.21 36.75
N ALA A 79 37.66 9.63 35.63
CA ALA A 79 37.09 10.96 35.50
C ALA A 79 35.60 10.89 35.81
N TYR A 80 35.04 12.00 36.31
CA TYR A 80 33.62 12.03 36.63
C TYR A 80 32.98 13.25 36.01
N MET A 81 31.75 13.08 35.54
CA MET A 81 30.94 14.16 35.01
C MET A 81 29.62 14.12 35.75
N GLU A 82 29.33 15.19 36.48
CA GLU A 82 28.08 15.36 37.19
C GLU A 82 27.30 16.51 36.53
N LEU A 83 26.07 16.23 36.11
CA LEU A 83 25.18 17.22 35.51
C LEU A 83 24.00 17.44 36.44
N ASN A 84 23.78 18.70 36.81
CA ASN A 84 22.83 19.05 37.85
C ASN A 84 21.53 19.60 37.26
N ARG A 85 20.53 19.75 38.13
CA ARG A 85 19.23 20.32 37.79
C ARG A 85 18.72 19.76 36.46
N LEU A 86 18.55 18.45 36.45
CA LEU A 86 18.29 17.71 35.21
C LEU A 86 16.91 18.05 34.62
N ARG A 87 16.86 18.12 33.30
CA ARG A 87 15.64 18.31 32.52
C ARG A 87 15.47 17.15 31.54
N SER A 88 14.27 17.03 30.99
CA SER A 88 13.95 15.88 30.15
C SER A 88 14.84 15.81 28.93
N ASP A 89 15.18 16.95 28.34
CA ASP A 89 16.07 16.91 27.20
C ASP A 89 17.55 16.72 27.62
N ASP A 90 17.83 16.49 28.90
CA ASP A 90 19.12 15.92 29.24
C ASP A 90 19.15 14.42 29.03
N THR A 91 18.02 13.81 28.63
CA THR A 91 18.01 12.39 28.29
C THR A 91 18.91 12.17 27.09
N ALA A 92 19.91 11.30 27.24
CA ALA A 92 20.97 11.25 26.24
C ALA A 92 22.00 10.19 26.62
N VAL A 93 22.78 9.76 25.62
CA VAL A 93 23.94 8.92 25.87
C VAL A 93 25.12 9.87 26.08
N TYR A 94 25.82 9.69 27.20
CA TYR A 94 26.96 10.51 27.58
C TYR A 94 28.23 9.69 27.40
N PHE A 95 29.17 10.27 26.64
CA PHE A 95 30.47 9.65 26.34
C PHE A 95 31.56 10.42 27.08
N CYS A 96 32.53 9.70 27.61
CA CYS A 96 33.82 10.32 27.86
C CYS A 96 34.73 10.03 26.68
N ALA A 97 35.71 10.92 26.47
CA ALA A 97 36.57 10.83 25.30
C ALA A 97 37.96 11.35 25.64
N ARG A 98 38.93 10.87 24.88
CA ARG A 98 40.33 11.23 25.10
C ARG A 98 40.98 11.48 23.75
N GLY A 99 41.83 12.51 23.69
CA GLY A 99 42.47 12.86 22.45
C GLY A 99 43.57 11.90 22.04
N LYS A 100 43.84 11.90 20.73
CA LYS A 100 44.91 11.12 20.16
C LYS A 100 46.25 11.40 20.84
N ASN A 101 46.53 12.67 21.13
CA ASN A 101 47.86 13.07 21.60
C ASN A 101 47.72 14.24 22.55
N SER A 102 48.67 14.31 23.49
CA SER A 102 48.76 15.46 24.38
C SER A 102 48.88 16.76 23.60
N ASP A 103 49.54 16.71 22.45
CA ASP A 103 49.67 17.86 21.57
C ASP A 103 48.30 18.44 21.31
N TYR A 104 47.52 17.71 20.52
CA TYR A 104 46.23 18.20 20.09
C TYR A 104 45.13 17.53 20.88
N ASN A 105 44.45 18.34 21.68
CA ASN A 105 43.47 17.86 22.64
C ASN A 105 42.22 17.29 21.97
N TRP A 106 41.90 17.72 20.74
CA TRP A 106 40.54 17.61 20.24
C TRP A 106 40.33 16.46 19.26
N ASP A 107 41.36 15.69 18.93
CA ASP A 107 41.23 14.54 18.04
C ASP A 107 40.80 13.34 18.87
N PHE A 108 39.49 13.14 18.99
CA PHE A 108 38.95 12.16 19.92
C PHE A 108 39.12 10.77 19.33
N GLN A 109 40.32 10.21 19.50
CA GLN A 109 40.57 8.87 19.01
C GLN A 109 39.94 7.82 19.92
N HIS A 110 39.80 8.11 21.20
CA HIS A 110 39.36 7.13 22.18
C HIS A 110 38.06 7.57 22.82
N TRP A 111 37.11 6.65 22.91
CA TRP A 111 35.78 6.92 23.44
C TRP A 111 35.40 5.84 24.42
N GLY A 112 34.63 6.24 25.43
CA GLY A 112 33.96 5.27 26.28
C GLY A 112 32.83 4.60 25.50
N GLN A 113 32.18 3.62 26.14
CA GLN A 113 31.05 3.00 25.48
C GLN A 113 29.77 3.83 25.58
N GLY A 114 29.76 4.89 26.38
CA GLY A 114 28.55 5.67 26.51
C GLY A 114 27.69 5.22 27.68
N THR A 115 27.05 6.17 28.36
CA THR A 115 26.12 5.90 29.46
C THR A 115 24.80 6.57 29.13
N LEU A 116 23.73 5.78 29.13
CA LEU A 116 22.40 6.30 28.87
C LEU A 116 21.82 6.86 30.17
N VAL A 117 21.44 8.14 30.16
CA VAL A 117 20.78 8.77 31.30
C VAL A 117 19.37 9.12 30.84
N THR A 118 18.38 8.66 31.58
CA THR A 118 16.98 8.97 31.26
C THR A 118 16.44 9.92 32.31
N VAL A 119 15.96 11.07 31.89
CA VAL A 119 15.40 12.03 32.83
C VAL A 119 13.88 11.94 32.71
N SER A 120 13.23 11.46 33.76
CA SER A 120 11.77 11.34 33.78
C SER A 120 11.28 11.17 35.19
N SER A 121 10.12 11.73 35.45
CA SER A 121 9.45 11.46 36.71
C SER A 121 8.62 10.17 36.68
N ALA A 122 8.58 9.47 35.55
CA ALA A 122 7.85 8.22 35.48
C ALA A 122 8.47 7.20 36.43
N SER A 123 7.66 6.25 36.86
CA SER A 123 8.09 5.19 37.75
C SER A 123 8.35 3.91 36.97
N THR A 124 9.37 3.17 37.40
CA THR A 124 9.69 1.87 36.82
C THR A 124 8.44 1.01 36.75
N LYS A 125 8.18 0.45 35.56
CA LYS A 125 6.98 -0.34 35.32
C LYS A 125 7.26 -1.34 34.21
N GLY A 126 6.95 -2.60 34.46
CA GLY A 126 7.11 -3.62 33.44
C GLY A 126 6.02 -3.53 32.40
N PRO A 127 6.29 -4.03 31.20
CA PRO A 127 5.30 -3.91 30.13
C PRO A 127 4.19 -4.94 30.23
N SER A 128 3.05 -4.58 29.64
CA SER A 128 2.05 -5.56 29.27
C SER A 128 2.30 -5.97 27.83
N VAL A 129 2.03 -7.23 27.53
CA VAL A 129 2.31 -7.78 26.22
C VAL A 129 1.01 -8.34 25.65
N PHE A 130 0.57 -7.75 24.56
CA PHE A 130 -0.65 -8.13 23.88
C PHE A 130 -0.33 -8.68 22.49
N PRO A 131 -1.09 -9.66 22.03
CA PRO A 131 -0.79 -10.26 20.72
C PRO A 131 -1.33 -9.42 19.58
N LEU A 132 -0.53 -9.32 18.53
CA LEU A 132 -0.99 -8.81 17.23
C LEU A 132 -1.29 -10.02 16.35
N ALA A 133 -2.56 -10.46 16.38
CA ALA A 133 -2.92 -11.72 15.75
C ALA A 133 -2.90 -11.61 14.23
N PRO A 134 -2.45 -12.64 13.53
CA PRO A 134 -2.54 -12.63 12.08
C PRO A 134 -4.01 -12.71 11.65
N SER A 135 -4.31 -12.10 10.50
CA SER A 135 -5.68 -12.07 9.99
C SER A 135 -6.09 -13.37 9.30
N GLY A 142 0.17 -15.10 0.20
CA GLY A 142 0.33 -16.20 1.13
C GLY A 142 1.32 -15.91 2.25
N THR A 143 1.47 -14.64 2.60
CA THR A 143 2.33 -14.21 3.70
C THR A 143 1.46 -13.56 4.76
N ALA A 144 1.75 -13.81 6.03
CA ALA A 144 0.93 -13.26 7.10
C ALA A 144 1.81 -12.42 8.02
N ALA A 145 1.22 -11.39 8.61
CA ALA A 145 1.94 -10.59 9.60
C ALA A 145 1.32 -10.86 10.97
N LEU A 146 2.17 -11.05 11.96
CA LEU A 146 1.73 -11.18 13.33
C LEU A 146 2.73 -10.43 14.19
N GLY A 147 2.40 -10.26 15.46
CA GLY A 147 3.33 -9.52 16.28
C GLY A 147 2.96 -9.51 17.75
N CYS A 148 3.60 -8.59 18.45
CA CYS A 148 3.37 -8.35 19.86
C CYS A 148 3.47 -6.85 20.10
N LEU A 149 2.52 -6.35 20.86
CA LEU A 149 2.53 -4.98 21.33
C LEU A 149 3.03 -4.99 22.77
N VAL A 150 4.20 -4.38 22.99
CA VAL A 150 4.81 -4.29 24.31
C VAL A 150 4.49 -2.89 24.85
N LYS A 151 3.46 -2.81 25.68
CA LYS A 151 2.82 -1.54 26.02
C LYS A 151 3.12 -1.11 27.45
N ASP A 152 3.41 0.19 27.61
CA ASP A 152 3.33 0.90 28.89
C ASP A 152 4.41 0.49 29.87
N TYR A 153 5.67 0.81 29.56
CA TYR A 153 6.74 0.37 30.41
C TYR A 153 7.73 1.52 30.60
N PHE A 154 8.50 1.42 31.68
CA PHE A 154 9.48 2.47 31.97
C PHE A 154 10.53 1.85 32.86
N PRO A 155 11.83 2.11 32.63
CA PRO A 155 12.36 2.87 31.48
C PRO A 155 12.77 1.96 30.30
N GLU A 156 13.35 2.55 29.25
CA GLU A 156 14.02 1.74 28.24
C GLU A 156 15.19 0.99 28.87
N PRO A 157 15.61 -0.15 28.29
CA PRO A 157 15.05 -0.79 27.09
C PRO A 157 14.24 -2.03 27.44
N VAL A 158 13.52 -2.53 26.45
CA VAL A 158 13.06 -3.91 26.47
C VAL A 158 13.78 -4.62 25.35
N THR A 159 13.81 -5.94 25.44
CA THR A 159 14.30 -6.77 24.35
C THR A 159 13.19 -7.71 23.95
N VAL A 160 13.11 -8.02 22.67
CA VAL A 160 12.13 -8.97 22.19
C VAL A 160 12.83 -9.99 21.32
N SER A 161 12.52 -11.26 21.54
CA SER A 161 12.89 -12.34 20.63
C SER A 161 11.60 -13.07 20.25
N TRP A 162 11.68 -13.87 19.20
CA TRP A 162 10.56 -14.71 18.79
C TRP A 162 10.99 -16.17 18.86
N ASN A 163 10.14 -17.02 19.43
CA ASN A 163 10.40 -18.47 19.56
C ASN A 163 11.76 -18.74 20.19
N SER A 164 12.07 -17.97 21.23
CA SER A 164 13.28 -18.11 22.04
C SER A 164 14.55 -17.91 21.23
N GLY A 165 14.49 -17.00 20.26
CA GLY A 165 15.63 -16.73 19.42
C GLY A 165 15.69 -17.51 18.13
N ALA A 166 14.79 -18.49 17.94
CA ALA A 166 14.87 -19.32 16.74
C ALA A 166 14.27 -18.62 15.53
N LEU A 167 13.33 -17.70 15.74
CA LEU A 167 12.70 -16.95 14.67
C LEU A 167 13.34 -15.58 14.59
N THR A 168 14.08 -15.32 13.49
CA THR A 168 14.80 -14.07 13.34
C THR A 168 14.56 -13.43 11.98
N SER A 169 14.30 -14.25 10.96
CA SER A 169 14.05 -13.77 9.61
C SER A 169 12.70 -13.05 9.52
N GLY A 170 12.68 -11.84 8.96
CA GLY A 170 11.46 -11.09 8.79
C GLY A 170 10.95 -10.40 10.03
N VAL A 171 11.73 -10.39 11.10
CA VAL A 171 11.32 -9.73 12.34
C VAL A 171 11.67 -8.25 12.25
N HIS A 172 10.75 -7.41 12.70
CA HIS A 172 11.00 -6.00 12.87
C HIS A 172 10.57 -5.61 14.27
N THR A 173 11.53 -5.19 15.09
CA THR A 173 11.22 -4.66 16.39
C THR A 173 11.46 -3.17 16.31
N PHE A 174 10.42 -2.40 16.52
CA PHE A 174 10.46 -0.98 16.27
C PHE A 174 11.08 -0.24 17.45
N PRO A 175 11.70 0.92 17.18
CA PRO A 175 12.05 1.83 18.27
C PRO A 175 10.83 2.14 19.11
N ALA A 176 11.02 2.23 20.41
CA ALA A 176 9.90 2.54 21.28
C ALA A 176 9.47 3.99 21.07
N VAL A 177 8.18 4.26 21.28
CA VAL A 177 7.66 5.61 21.31
C VAL A 177 7.37 6.00 22.76
N LEU A 178 7.66 7.24 23.10
CA LEU A 178 7.30 7.81 24.39
C LEU A 178 5.88 8.34 24.32
N GLN A 179 4.98 7.76 25.11
CA GLN A 179 3.60 8.20 25.15
C GLN A 179 3.46 9.43 26.03
N SER A 180 2.31 10.11 25.91
CA SER A 180 2.03 11.29 26.72
C SER A 180 1.99 10.98 28.20
N SER A 181 1.80 9.71 28.58
CA SER A 181 1.81 9.27 29.96
C SER A 181 3.20 9.21 30.57
N GLY A 182 4.25 9.30 29.76
CA GLY A 182 5.60 9.06 30.22
C GLY A 182 6.03 7.61 30.18
N LEU A 183 5.18 6.71 29.66
CA LEU A 183 5.55 5.31 29.52
C LEU A 183 5.95 5.02 28.08
N TYR A 184 6.77 3.99 27.91
CA TYR A 184 7.18 3.62 26.57
C TYR A 184 6.28 2.53 26.03
N SER A 185 6.29 2.41 24.72
CA SER A 185 5.51 1.37 24.07
C SER A 185 6.20 1.03 22.75
N LEU A 186 6.10 -0.22 22.37
CA LEU A 186 6.87 -0.77 21.27
C LEU A 186 6.08 -1.90 20.64
N SER A 187 6.23 -2.08 19.34
CA SER A 187 5.71 -3.24 18.65
C SER A 187 6.84 -4.09 18.08
N SER A 188 6.61 -5.40 18.07
CA SER A 188 7.50 -6.27 17.31
C SER A 188 6.63 -7.19 16.47
N VAL A 189 6.97 -7.27 15.19
CA VAL A 189 6.17 -7.97 14.21
C VAL A 189 7.10 -8.90 13.45
N VAL A 190 6.52 -9.92 12.83
CA VAL A 190 7.27 -10.85 12.00
C VAL A 190 6.34 -11.28 10.89
N THR A 191 6.90 -11.47 9.70
CA THR A 191 6.12 -11.99 8.59
C THR A 191 6.51 -13.44 8.38
N VAL A 192 5.51 -14.28 8.19
CA VAL A 192 5.69 -15.73 8.07
C VAL A 192 4.81 -16.25 6.96
N PRO A 193 5.16 -17.41 6.40
CA PRO A 193 4.26 -18.07 5.45
C PRO A 193 2.89 -18.30 6.06
N SER A 194 1.86 -17.86 5.34
CA SER A 194 0.49 -18.00 5.85
C SER A 194 0.12 -19.46 6.08
N SER A 195 0.67 -20.38 5.28
CA SER A 195 0.39 -21.80 5.45
C SER A 195 0.90 -22.34 6.78
N SER A 196 1.84 -21.65 7.42
CA SER A 196 2.32 -22.07 8.73
C SER A 196 1.39 -21.65 9.87
N LEU A 197 0.31 -20.91 9.59
CA LEU A 197 -0.41 -20.26 10.67
C LEU A 197 -1.02 -21.25 11.66
N GLY A 198 -1.64 -22.32 11.16
CA GLY A 198 -2.32 -23.23 12.06
C GLY A 198 -1.38 -24.11 12.88
N THR A 199 -0.22 -24.44 12.32
CA THR A 199 0.64 -25.50 12.82
C THR A 199 1.85 -25.00 13.61
N GLN A 200 2.63 -24.08 13.05
CA GLN A 200 3.79 -23.54 13.73
C GLN A 200 3.37 -22.52 14.79
N THR A 201 3.90 -22.65 16.00
CA THR A 201 3.59 -21.73 17.08
C THR A 201 4.50 -20.51 17.02
N TYR A 202 3.94 -19.35 17.31
CA TYR A 202 4.69 -18.10 17.30
C TYR A 202 4.54 -17.42 18.65
N ILE A 203 5.65 -17.28 19.37
CA ILE A 203 5.68 -16.76 20.72
C ILE A 203 6.71 -15.65 20.76
N CYS A 204 6.32 -14.49 21.28
CA CYS A 204 7.29 -13.43 21.52
C CYS A 204 7.74 -13.48 22.97
N ASN A 205 9.04 -13.31 23.16
CA ASN A 205 9.67 -13.31 24.47
C ASN A 205 10.16 -11.89 24.74
N VAL A 206 9.68 -11.30 25.82
CA VAL A 206 9.91 -9.89 26.12
C VAL A 206 10.62 -9.84 27.46
N ASN A 207 11.80 -9.19 27.49
CA ASN A 207 12.54 -8.95 28.72
C ASN A 207 12.55 -7.46 29.01
N HIS A 208 12.16 -7.11 30.22
CA HIS A 208 12.35 -5.75 30.74
C HIS A 208 13.09 -5.93 32.05
N LYS A 209 14.41 -5.74 32.02
CA LYS A 209 15.16 -6.09 33.22
C LYS A 209 14.97 -5.05 34.34
N PRO A 210 14.98 -3.74 34.05
CA PRO A 210 14.73 -2.76 35.13
C PRO A 210 13.54 -3.12 36.02
N SER A 211 12.55 -3.82 35.49
CA SER A 211 11.44 -4.29 36.31
C SER A 211 11.51 -5.79 36.57
N ASN A 212 12.52 -6.48 36.04
CA ASN A 212 12.58 -7.95 36.12
C ASN A 212 11.28 -8.57 35.60
N THR A 213 10.81 -8.05 34.47
CA THR A 213 9.64 -8.59 33.79
C THR A 213 10.12 -9.50 32.67
N LYS A 214 9.64 -10.74 32.68
CA LYS A 214 9.83 -11.68 31.59
C LYS A 214 8.47 -12.23 31.24
N VAL A 215 8.03 -12.01 30.01
CA VAL A 215 6.72 -12.45 29.55
C VAL A 215 6.87 -13.15 28.23
N ASP A 216 6.13 -14.23 28.06
CA ASP A 216 5.97 -14.90 26.78
C ASP A 216 4.50 -14.81 26.39
N LYS A 217 4.24 -14.42 25.15
CA LYS A 217 2.88 -14.36 24.64
C LYS A 217 2.80 -15.21 23.38
N ARG A 218 1.98 -16.24 23.43
CA ARG A 218 1.66 -17.00 22.24
C ARG A 218 0.71 -16.21 21.37
N VAL A 219 1.05 -16.08 20.09
CA VAL A 219 0.28 -15.29 19.14
C VAL A 219 -0.46 -16.24 18.22
N GLU A 220 -1.78 -16.32 18.38
CA GLU A 220 -2.68 -17.22 17.68
C GLU A 220 -3.61 -16.46 16.74
N PRO A 221 -4.01 -17.07 15.61
CA PRO A 221 -5.01 -16.52 14.69
C PRO A 221 -6.30 -16.06 15.38
N VAL B 3 28.95 28.08 14.92
CA VAL B 3 28.21 26.90 14.51
C VAL B 3 28.81 26.32 13.22
N MET B 4 28.83 25.00 13.16
CA MET B 4 29.26 24.22 12.00
C MET B 4 28.04 23.50 11.44
N SER B 5 28.06 23.25 10.13
CA SER B 5 26.90 22.65 9.48
C SER B 5 27.39 21.66 8.43
N GLN B 6 26.60 20.61 8.24
CA GLN B 6 26.82 19.61 7.22
C GLN B 6 25.57 19.51 6.37
N SER B 7 25.75 19.44 5.06
CA SER B 7 24.62 19.23 4.17
C SER B 7 25.00 18.13 3.20
N PRO B 8 24.05 17.25 2.82
CA PRO B 8 22.70 17.19 3.37
C PRO B 8 22.65 16.34 4.64
N SER B 9 21.50 16.29 5.32
CA SER B 9 21.48 15.54 6.58
C SER B 9 21.51 14.04 6.31
N SER B 10 20.98 13.59 5.18
CA SER B 10 21.13 12.19 4.80
C SER B 10 21.34 12.13 3.29
N LEU B 11 21.88 11.01 2.83
CA LEU B 11 22.20 10.89 1.41
C LEU B 11 22.10 9.43 1.01
N ALA B 12 21.29 9.15 -0.01
CA ALA B 12 21.19 7.79 -0.51
C ALA B 12 22.33 7.56 -1.49
N VAL B 13 23.08 6.49 -1.27
CA VAL B 13 24.23 6.16 -2.08
C VAL B 13 24.06 4.75 -2.61
N SER B 14 24.79 4.46 -3.69
CA SER B 14 24.87 3.12 -4.25
C SER B 14 26.28 2.61 -4.00
N LEU B 15 26.40 1.35 -3.62
CA LEU B 15 27.72 0.77 -3.44
C LEU B 15 28.57 1.03 -4.67
N GLY B 16 29.84 1.36 -4.42
CA GLY B 16 30.80 1.56 -5.48
C GLY B 16 30.93 2.99 -5.98
N GLU B 17 29.96 3.86 -5.67
CA GLU B 17 30.04 5.18 -6.28
C GLU B 17 30.88 6.12 -5.41
N ARG B 18 31.20 7.27 -6.00
CA ARG B 18 31.99 8.29 -5.38
C ARG B 18 31.07 9.28 -4.68
N ILE B 19 31.32 9.51 -3.39
CA ILE B 19 30.48 10.33 -2.51
C ILE B 19 31.32 11.46 -1.93
N THR B 20 30.71 12.65 -1.80
CA THR B 20 31.36 13.80 -1.20
C THR B 20 30.45 14.38 -0.13
N LEU B 21 30.96 14.46 1.10
CA LEU B 21 30.22 14.98 2.24
C LEU B 21 30.81 16.32 2.61
N SER B 22 29.95 17.31 2.82
CA SER B 22 30.38 18.68 2.99
C SER B 22 30.12 19.13 4.42
N CYS B 23 30.99 20.03 4.89
CA CYS B 23 30.93 20.61 6.22
C CYS B 23 31.33 22.07 6.10
N LYS B 24 30.56 22.95 6.73
CA LYS B 24 30.79 24.39 6.72
C LYS B 24 31.13 24.82 8.13
N SER B 25 32.25 25.51 8.28
CA SER B 25 32.67 25.95 9.60
C SER B 25 32.52 27.46 9.72
N SER B 26 33.13 28.02 10.76
CA SER B 26 33.28 29.46 10.90
C SER B 26 34.49 29.70 11.79
N LEU B 27 35.14 30.84 11.54
CA LEU B 27 36.45 31.08 12.18
C LEU B 27 36.49 32.37 13.00
N THR B 28 36.78 32.25 14.30
CA THR B 28 36.94 33.43 15.18
C THR B 28 37.81 33.04 16.39
N LEU B 29 38.95 32.37 16.19
CA LEU B 29 39.79 31.89 17.33
C LEU B 29 41.01 32.81 17.52
N TYR B 38 43.06 21.26 11.09
CA TYR B 38 42.09 21.99 11.89
C TYR B 38 40.76 21.24 12.09
N LEU B 39 40.35 20.45 11.11
CA LEU B 39 39.04 19.79 11.12
C LEU B 39 39.19 18.27 11.21
N ALA B 40 38.33 17.64 12.01
CA ALA B 40 38.29 16.20 12.12
C ALA B 40 36.97 15.65 11.60
N TRP B 41 36.98 14.36 11.23
CA TRP B 41 35.79 13.63 10.80
C TRP B 41 35.64 12.35 11.63
N TYR B 42 34.40 12.05 12.05
CA TYR B 42 34.09 10.83 12.79
C TYR B 42 33.03 10.03 12.05
N GLN B 43 33.11 8.71 12.21
CA GLN B 43 32.12 7.79 11.65
C GLN B 43 31.43 7.06 12.81
N GLN B 44 30.09 7.05 12.81
CA GLN B 44 29.33 6.44 13.91
C GLN B 44 28.24 5.55 13.34
N LYS B 45 28.20 4.31 13.81
CA LYS B 45 27.22 3.30 13.48
C LYS B 45 26.31 3.07 14.69
N PRO B 46 25.09 2.54 14.50
CA PRO B 46 24.11 2.49 15.61
C PRO B 46 24.63 1.74 16.83
N GLY B 47 24.42 2.35 18.00
CA GLY B 47 24.82 1.72 19.25
C GLY B 47 26.29 1.81 19.61
N GLN B 48 27.14 2.26 18.70
CA GLN B 48 28.58 2.37 18.95
C GLN B 48 28.96 3.82 19.23
N SER B 49 30.14 4.01 19.79
CA SER B 49 30.69 5.34 19.91
C SER B 49 31.24 5.78 18.56
N PRO B 50 31.41 7.09 18.35
CA PRO B 50 32.03 7.53 17.10
C PRO B 50 33.44 7.01 17.00
N LYS B 51 33.91 6.91 15.76
CA LYS B 51 35.25 6.46 15.47
C LYS B 51 35.95 7.56 14.69
N LEU B 52 37.13 7.96 15.15
CA LEU B 52 37.89 8.98 14.44
C LEU B 52 38.38 8.44 13.09
N LEU B 53 38.08 9.18 12.02
CA LEU B 53 38.48 8.81 10.66
C LEU B 53 39.56 9.72 10.10
N ILE B 54 39.36 11.04 10.20
CA ILE B 54 40.26 12.04 9.67
C ILE B 54 40.54 13.06 10.77
N TYR B 55 41.79 13.54 10.86
CA TYR B 55 42.09 14.69 11.70
C TYR B 55 43.06 15.59 10.95
N SER B 56 43.24 16.81 11.46
CA SER B 56 44.07 17.81 10.79
C SER B 56 43.61 17.98 9.34
N THR B 57 42.28 18.02 9.18
CA THR B 57 41.62 18.27 7.90
C THR B 57 41.83 17.15 6.89
N SER B 58 43.03 16.60 6.79
CA SER B 58 43.30 15.64 5.72
C SER B 58 44.03 14.39 6.19
N THR B 59 44.44 14.28 7.44
CA THR B 59 45.24 13.13 7.85
C THR B 59 44.35 11.94 8.17
N ARG B 60 44.69 10.78 7.61
CA ARG B 60 43.92 9.57 7.84
C ARG B 60 44.33 8.91 9.16
N GLU B 61 43.35 8.51 9.93
CA GLU B 61 43.62 7.76 11.16
C GLU B 61 44.09 6.35 10.81
N SER B 62 45.01 5.83 11.63
CA SER B 62 45.64 4.54 11.37
C SER B 62 44.59 3.48 11.03
N GLY B 63 44.78 2.83 9.89
CA GLY B 63 43.87 1.79 9.47
C GLY B 63 42.64 2.25 8.72
N VAL B 64 42.42 3.54 8.57
CA VAL B 64 41.33 4.01 7.70
C VAL B 64 41.72 3.75 6.25
N PRO B 65 40.84 3.17 5.44
CA PRO B 65 41.18 2.91 4.03
C PRO B 65 41.38 4.21 3.28
N ASP B 66 42.29 4.18 2.30
CA ASP B 66 42.59 5.43 1.62
C ASP B 66 41.53 5.80 0.59
N ARG B 67 40.43 5.04 0.50
CA ARG B 67 39.28 5.56 -0.23
C ARG B 67 38.64 6.74 0.47
N PHE B 68 39.02 7.03 1.72
CA PHE B 68 38.59 8.21 2.45
C PHE B 68 39.63 9.30 2.34
N THR B 69 39.21 10.47 1.88
CA THR B 69 40.09 11.62 1.79
C THR B 69 39.39 12.82 2.42
N GLY B 70 40.10 13.51 3.31
CA GLY B 70 39.64 14.79 3.84
C GLY B 70 40.34 15.92 3.11
N SER B 71 39.57 16.95 2.76
CA SER B 71 40.06 18.21 2.17
C SER B 71 39.40 19.38 2.87
N GLY B 72 39.97 20.57 2.65
CA GLY B 72 39.42 21.76 3.29
C GLY B 72 40.07 23.06 2.86
N SER B 73 39.26 24.11 2.71
CA SER B 73 39.77 25.38 2.18
C SER B 73 38.93 26.51 2.79
N GLY B 74 39.56 27.35 3.61
CA GLY B 74 38.84 28.37 4.33
C GLY B 74 37.87 27.78 5.34
N THR B 75 36.58 28.00 5.14
CA THR B 75 35.55 27.42 6.00
C THR B 75 34.83 26.23 5.35
N ASP B 76 35.35 25.71 4.24
CA ASP B 76 34.68 24.62 3.51
C ASP B 76 35.55 23.37 3.57
N PHE B 77 34.98 22.30 4.11
CA PHE B 77 35.67 21.04 4.26
C PHE B 77 34.86 19.96 3.58
N THR B 78 35.57 18.96 3.07
CA THR B 78 34.90 17.84 2.41
C THR B 78 35.53 16.55 2.86
N LEU B 79 34.70 15.51 2.91
CA LEU B 79 35.16 14.15 3.09
C LEU B 79 34.71 13.35 1.87
N THR B 80 35.65 12.80 1.12
CA THR B 80 35.39 12.09 -0.12
C THR B 80 35.63 10.61 0.08
N ILE B 81 34.67 9.79 -0.33
CA ILE B 81 34.85 8.35 -0.39
C ILE B 81 34.86 7.97 -1.85
N SER B 82 36.01 7.52 -2.35
CA SER B 82 36.14 7.32 -3.79
C SER B 82 35.27 6.18 -4.29
N SER B 83 34.96 5.21 -3.42
CA SER B 83 34.13 4.06 -3.79
C SER B 83 33.44 3.57 -2.53
N VAL B 84 32.17 3.88 -2.37
CA VAL B 84 31.51 3.58 -1.09
C VAL B 84 31.29 2.09 -0.96
N LYS B 85 31.66 1.53 0.20
CA LYS B 85 31.51 0.13 0.52
C LYS B 85 30.43 -0.07 1.59
N ALA B 86 29.99 -1.32 1.76
CA ALA B 86 28.85 -1.59 2.63
C ALA B 86 29.14 -1.17 4.06
N GLU B 87 30.39 -1.31 4.51
CA GLU B 87 30.79 -0.95 5.86
C GLU B 87 30.89 0.56 6.06
N ASP B 88 30.75 1.36 5.00
CA ASP B 88 30.79 2.81 5.12
C ASP B 88 29.44 3.39 5.51
N LEU B 89 28.36 2.61 5.39
CA LEU B 89 27.04 3.06 5.75
C LEU B 89 27.00 3.38 7.24
N ALA B 90 26.78 4.66 7.56
CA ALA B 90 26.93 5.21 8.91
C ALA B 90 26.61 6.70 8.90
N VAL B 91 26.70 7.35 10.06
CA VAL B 91 26.60 8.79 10.18
C VAL B 91 28.01 9.33 10.29
N TYR B 92 28.29 10.42 9.56
CA TYR B 92 29.59 11.07 9.55
C TYR B 92 29.47 12.45 10.20
N TYR B 93 30.37 12.77 11.12
CA TYR B 93 30.37 14.05 11.79
C TYR B 93 31.69 14.75 11.54
N CYS B 94 31.62 16.05 11.27
CA CYS B 94 32.79 16.91 11.29
C CYS B 94 32.90 17.59 12.64
N GLN B 95 34.12 17.98 12.99
CA GLN B 95 34.38 18.58 14.28
C GLN B 95 35.53 19.55 14.17
N GLN B 96 35.39 20.69 14.83
CA GLN B 96 36.43 21.71 14.91
C GLN B 96 36.43 22.24 16.33
N TYR B 97 37.54 22.03 17.05
CA TYR B 97 37.61 22.28 18.49
C TYR B 97 36.38 21.74 19.22
N GLU B 98 35.66 22.62 19.93
CA GLU B 98 34.52 22.25 20.75
C GLU B 98 33.23 22.04 19.96
N TYR B 99 33.27 22.14 18.63
CA TYR B 99 32.04 22.18 17.84
C TYR B 99 31.95 20.97 16.92
N PHE B 100 30.73 20.47 16.75
CA PHE B 100 30.43 19.37 15.86
C PHE B 100 29.39 19.82 14.85
N GLY B 101 29.55 19.38 13.59
CA GLY B 101 28.46 19.45 12.64
C GLY B 101 27.30 18.55 13.05
N GLY B 102 26.14 18.80 12.42
CA GLY B 102 24.97 17.99 12.75
C GLY B 102 24.98 16.58 12.19
N GLY B 103 25.94 16.27 11.31
CA GLY B 103 26.10 14.92 10.80
C GLY B 103 25.36 14.68 9.51
N THR B 104 25.81 13.63 8.79
CA THR B 104 25.23 13.20 7.53
C THR B 104 25.12 11.70 7.56
N LYS B 105 23.91 11.16 7.39
CA LYS B 105 23.73 9.72 7.36
C LYS B 105 23.73 9.21 5.93
N LEU B 106 24.55 8.21 5.67
CA LEU B 106 24.56 7.51 4.41
C LEU B 106 23.56 6.37 4.48
N GLU B 107 22.78 6.19 3.42
CA GLU B 107 21.88 5.07 3.32
C GLU B 107 21.95 4.52 1.90
N ILE B 108 21.51 3.28 1.75
CA ILE B 108 21.62 2.61 0.45
C ILE B 108 20.45 3.05 -0.42
N LYS B 109 20.78 3.53 -1.63
CA LYS B 109 19.75 3.76 -2.65
C LYS B 109 19.39 2.45 -3.32
N ARG B 110 18.10 2.13 -3.39
CA ARG B 110 17.59 0.95 -4.07
C ARG B 110 16.35 1.38 -4.83
N THR B 111 15.76 0.43 -5.56
CA THR B 111 14.53 0.72 -6.28
C THR B 111 13.38 0.97 -5.32
N VAL B 112 12.39 1.71 -5.82
CA VAL B 112 11.19 1.99 -5.05
C VAL B 112 10.51 0.67 -4.69
N ALA B 113 9.98 0.61 -3.46
CA ALA B 113 9.26 -0.57 -2.98
C ALA B 113 8.06 -0.07 -2.19
N ALA B 114 6.87 -0.51 -2.59
CA ALA B 114 5.68 -0.08 -1.90
C ALA B 114 5.60 -0.76 -0.53
N PRO B 115 4.99 -0.09 0.46
CA PRO B 115 4.71 -0.78 1.72
C PRO B 115 3.78 -1.95 1.51
N SER B 116 4.02 -3.02 2.26
CA SER B 116 3.00 -4.03 2.45
C SER B 116 2.29 -3.70 3.77
N VAL B 117 0.99 -3.45 3.69
CA VAL B 117 0.27 -2.80 4.76
C VAL B 117 -0.60 -3.83 5.45
N PHE B 118 -0.55 -3.84 6.78
CA PHE B 118 -1.28 -4.77 7.61
C PHE B 118 -1.94 -3.98 8.74
N ILE B 119 -3.16 -4.36 9.12
CA ILE B 119 -3.85 -3.72 10.23
C ILE B 119 -4.16 -4.77 11.29
N PHE B 120 -4.03 -4.37 12.55
CA PHE B 120 -4.25 -5.26 13.69
C PHE B 120 -5.26 -4.60 14.62
N PRO B 121 -6.41 -5.22 14.85
CA PRO B 121 -7.34 -4.69 15.87
C PRO B 121 -6.73 -4.85 17.25
N PRO B 122 -7.29 -4.19 18.26
CA PRO B 122 -6.85 -4.46 19.63
C PRO B 122 -7.21 -5.88 20.04
N SER B 123 -6.31 -6.51 20.79
CA SER B 123 -6.61 -7.83 21.33
C SER B 123 -7.67 -7.73 22.42
N ASP B 124 -8.36 -8.84 22.65
CA ASP B 124 -9.31 -8.87 23.76
C ASP B 124 -8.58 -8.65 25.08
N GLU B 125 -7.35 -9.18 25.19
CA GLU B 125 -6.58 -9.01 26.41
C GLU B 125 -6.37 -7.54 26.75
N GLN B 126 -6.09 -6.72 25.73
CA GLN B 126 -5.90 -5.30 25.99
C GLN B 126 -7.22 -4.61 26.32
N LEU B 127 -8.25 -4.87 25.52
CA LEU B 127 -9.58 -4.31 25.79
C LEU B 127 -10.03 -4.58 27.21
N LYS B 128 -9.80 -5.82 27.67
CA LYS B 128 -10.06 -6.20 29.05
C LYS B 128 -9.29 -5.33 30.04
N SER B 129 -8.12 -4.83 29.66
CA SER B 129 -7.39 -3.91 30.53
C SER B 129 -7.87 -2.47 30.42
N GLY B 130 -8.81 -2.16 29.51
CA GLY B 130 -9.40 -0.84 29.41
C GLY B 130 -8.87 0.05 28.31
N THR B 131 -7.86 -0.40 27.57
CA THR B 131 -7.24 0.38 26.50
C THR B 131 -7.45 -0.35 25.17
N ALA B 132 -7.40 0.41 24.08
CA ALA B 132 -7.47 -0.15 22.73
C ALA B 132 -6.39 0.48 21.87
N SER B 133 -5.48 -0.34 21.37
CA SER B 133 -4.50 0.11 20.38
C SER B 133 -4.74 -0.60 19.05
N VAL B 134 -4.83 0.18 17.97
CA VAL B 134 -4.89 -0.35 16.62
C VAL B 134 -3.53 -0.12 15.98
N VAL B 135 -2.88 -1.20 15.52
CA VAL B 135 -1.56 -1.10 14.89
C VAL B 135 -1.72 -1.19 13.38
N CYS B 136 -1.15 -0.22 12.67
CA CYS B 136 -1.01 -0.28 11.23
C CYS B 136 0.47 -0.50 10.93
N LEU B 137 0.77 -1.57 10.23
CA LEU B 137 2.14 -1.95 9.93
C LEU B 137 2.41 -1.69 8.45
N LEU B 138 3.45 -0.93 8.17
CA LEU B 138 3.90 -0.69 6.80
C LEU B 138 5.22 -1.41 6.69
N ASN B 139 5.26 -2.50 5.92
CA ASN B 139 6.41 -3.39 5.92
C ASN B 139 7.22 -3.29 4.62
N ASN B 140 8.53 -3.10 4.77
CA ASN B 140 9.55 -3.26 3.71
C ASN B 140 9.30 -2.36 2.49
N PHE B 141 9.34 -1.05 2.74
CA PHE B 141 9.20 -0.07 1.68
C PHE B 141 10.47 0.76 1.54
N TYR B 142 10.51 1.52 0.46
CA TYR B 142 11.62 2.39 0.11
C TYR B 142 11.11 3.35 -0.96
N PRO B 143 11.36 4.66 -0.82
CA PRO B 143 12.15 5.27 0.27
C PRO B 143 11.41 5.41 1.61
N ARG B 144 12.14 5.98 2.58
CA ARG B 144 11.66 6.04 3.96
C ARG B 144 10.39 6.86 4.09
N GLU B 145 10.20 7.88 3.25
CA GLU B 145 9.10 8.83 3.41
C GLU B 145 7.78 8.14 3.09
N ALA B 146 6.85 8.18 4.02
CA ALA B 146 5.53 7.58 3.84
C ALA B 146 4.59 8.24 4.83
N LYS B 147 3.32 8.30 4.46
CA LYS B 147 2.31 8.98 5.27
C LYS B 147 1.23 7.99 5.66
N VAL B 148 0.95 7.91 6.96
CA VAL B 148 -0.15 7.13 7.49
C VAL B 148 -1.21 8.08 7.97
N GLN B 149 -2.46 7.80 7.59
CA GLN B 149 -3.61 8.59 7.99
C GLN B 149 -4.66 7.63 8.53
N TRP B 150 -5.03 7.81 9.80
CA TRP B 150 -6.06 7.00 10.43
C TRP B 150 -7.42 7.61 10.19
N LYS B 151 -8.40 6.76 9.87
CA LYS B 151 -9.79 7.17 9.74
C LYS B 151 -10.64 6.26 10.61
N VAL B 152 -11.58 6.86 11.34
CA VAL B 152 -12.49 6.13 12.21
C VAL B 152 -13.90 6.54 11.82
N ASP B 153 -14.68 5.59 11.30
CA ASP B 153 -16.00 5.90 10.72
C ASP B 153 -15.88 7.06 9.74
N ASN B 154 -14.80 7.01 8.94
CA ASN B 154 -14.45 7.93 7.88
C ASN B 154 -14.09 9.32 8.39
N ALA B 155 -14.02 9.51 9.70
CA ALA B 155 -13.51 10.75 10.28
C ALA B 155 -11.99 10.67 10.35
N LEU B 156 -11.33 11.63 9.69
CA LEU B 156 -9.88 11.71 9.70
C LEU B 156 -9.41 11.98 11.13
N GLN B 157 -8.36 11.29 11.56
CA GLN B 157 -7.86 11.47 12.91
C GLN B 157 -6.60 12.33 12.93
N SER B 158 -6.36 12.95 14.07
CA SER B 158 -5.10 13.64 14.32
C SER B 158 -4.84 13.69 15.81
N GLY B 159 -3.60 13.42 16.20
CA GLY B 159 -3.19 13.62 17.59
C GLY B 159 -3.40 12.46 18.52
N ASN B 160 -3.96 11.34 18.06
CA ASN B 160 -4.13 10.17 18.91
C ASN B 160 -3.34 8.96 18.40
N SER B 161 -2.32 9.18 17.59
CA SER B 161 -1.48 8.09 17.10
C SER B 161 -0.03 8.49 17.17
N GLN B 162 0.84 7.47 17.20
CA GLN B 162 2.28 7.68 17.11
C GLN B 162 2.91 6.67 16.16
N GLU B 163 3.98 7.09 15.51
CA GLU B 163 4.66 6.30 14.49
C GLU B 163 6.08 5.96 14.95
N SER B 164 6.59 4.86 14.40
CA SER B 164 7.95 4.42 14.67
C SER B 164 8.50 3.77 13.40
N VAL B 165 9.74 4.07 13.04
CA VAL B 165 10.33 3.55 11.81
C VAL B 165 11.63 2.82 12.14
N THR B 166 11.85 1.68 11.46
CA THR B 166 13.09 0.96 11.65
C THR B 166 14.20 1.59 10.83
N GLU B 167 15.44 1.31 11.23
CA GLU B 167 16.57 1.65 10.39
C GLU B 167 16.54 0.80 9.13
N GLN B 168 17.26 1.27 8.11
CA GLN B 168 17.29 0.54 6.85
C GLN B 168 17.73 -0.91 7.09
N ASP B 169 17.00 -1.85 6.48
CA ASP B 169 17.35 -3.25 6.60
C ASP B 169 18.69 -3.58 5.94
N SER B 170 19.45 -4.48 6.56
CA SER B 170 20.79 -4.80 6.07
C SER B 170 20.74 -5.59 4.76
N LYS B 171 19.68 -6.37 4.54
CA LYS B 171 19.58 -7.28 3.40
C LYS B 171 18.91 -6.62 2.19
N ASP B 172 17.67 -6.18 2.35
CA ASP B 172 16.90 -5.64 1.23
C ASP B 172 16.87 -4.12 1.20
N SER B 173 17.54 -3.45 2.15
CA SER B 173 17.65 -1.99 2.18
C SER B 173 16.29 -1.30 2.26
N THR B 174 15.30 -1.95 2.85
CA THR B 174 13.99 -1.33 3.00
C THR B 174 13.83 -0.79 4.41
N TYR B 175 12.76 -0.03 4.60
CA TYR B 175 12.32 0.40 5.91
C TYR B 175 10.98 -0.22 6.25
N SER B 176 10.69 -0.24 7.53
CA SER B 176 9.37 -0.63 7.98
C SER B 176 8.91 0.40 8.99
N LEU B 177 7.60 0.59 9.06
CA LEU B 177 7.01 1.63 9.89
C LEU B 177 5.79 1.06 10.58
N SER B 178 5.64 1.35 11.86
CA SER B 178 4.38 1.07 12.56
C SER B 178 3.69 2.37 12.91
N SER B 179 2.37 2.40 12.78
CA SER B 179 1.54 3.44 13.37
C SER B 179 0.57 2.77 14.35
N THR B 180 0.42 3.37 15.53
CA THR B 180 -0.43 2.83 16.58
C THR B 180 -1.45 3.87 16.97
N LEU B 181 -2.73 3.57 16.76
CA LEU B 181 -3.82 4.46 17.17
C LEU B 181 -4.27 3.98 18.54
N THR B 182 -4.30 4.88 19.51
CA THR B 182 -4.56 4.46 20.87
C THR B 182 -5.74 5.22 21.42
N LEU B 183 -6.80 4.49 21.67
CA LEU B 183 -8.02 4.98 22.27
C LEU B 183 -8.20 4.37 23.65
N SER B 184 -9.11 4.98 24.39
CA SER B 184 -9.76 4.31 25.49
C SER B 184 -10.69 3.23 24.94
N LYS B 185 -10.98 2.23 25.78
CA LYS B 185 -11.90 1.18 25.35
C LYS B 185 -13.26 1.74 25.06
N ALA B 186 -13.76 2.61 25.94
CA ALA B 186 -15.06 3.24 25.72
C ALA B 186 -15.09 4.04 24.43
N ASP B 187 -14.00 4.79 24.15
CA ASP B 187 -13.97 5.54 22.90
C ASP B 187 -13.88 4.63 21.69
N TYR B 188 -13.17 3.51 21.81
CA TYR B 188 -13.05 2.57 20.70
C TYR B 188 -14.39 1.92 20.39
N GLU B 189 -15.16 1.56 21.43
CA GLU B 189 -16.42 0.85 21.26
C GLU B 189 -17.51 1.75 20.67
N LYS B 190 -17.32 3.07 20.70
CA LYS B 190 -18.30 3.99 20.13
C LYS B 190 -18.33 3.97 18.60
N HIS B 191 -17.38 3.31 17.95
CA HIS B 191 -17.21 3.41 16.50
C HIS B 191 -17.05 2.02 15.90
N LYS B 192 -17.22 1.96 14.58
CA LYS B 192 -17.28 0.70 13.86
C LYS B 192 -16.09 0.47 12.96
N VAL B 193 -15.79 1.46 12.13
CA VAL B 193 -14.88 1.28 11.00
C VAL B 193 -13.55 1.91 11.36
N TYR B 194 -12.54 1.07 11.48
CA TYR B 194 -11.18 1.49 11.73
C TYR B 194 -10.36 1.25 10.46
N ALA B 195 -9.65 2.28 10.01
CA ALA B 195 -8.90 2.20 8.76
C ALA B 195 -7.61 2.98 8.91
N CYS B 196 -6.53 2.47 8.31
CA CYS B 196 -5.35 3.29 8.12
C CYS B 196 -5.11 3.41 6.62
N GLU B 197 -4.90 4.63 6.18
CA GLU B 197 -4.64 4.98 4.79
C GLU B 197 -3.16 5.31 4.61
N VAL B 198 -2.51 4.70 3.63
CA VAL B 198 -1.06 4.80 3.46
C VAL B 198 -0.79 5.52 2.15
N THR B 199 0.05 6.57 2.21
CA THR B 199 0.53 7.25 1.01
C THR B 199 2.02 7.06 0.89
N HIS B 200 2.47 6.74 -0.32
CA HIS B 200 3.88 6.45 -0.55
C HIS B 200 4.19 6.52 -2.05
N GLN B 201 5.45 6.85 -2.33
CA GLN B 201 5.94 7.04 -3.69
C GLN B 201 5.74 5.81 -4.57
N GLY B 202 5.86 4.60 -3.99
CA GLY B 202 5.64 3.42 -4.79
C GLY B 202 4.21 2.99 -4.97
N LEU B 203 3.25 3.83 -4.61
CA LEU B 203 1.82 3.53 -4.75
C LEU B 203 1.21 4.56 -5.68
N SER B 204 0.46 4.10 -6.69
CA SER B 204 -0.13 5.05 -7.62
C SER B 204 -1.23 5.87 -6.96
N SER B 205 -1.93 5.31 -5.98
CA SER B 205 -2.92 6.02 -5.19
C SER B 205 -2.91 5.43 -3.79
N PRO B 206 -3.45 6.14 -2.80
CA PRO B 206 -3.32 5.67 -1.42
C PRO B 206 -3.95 4.31 -1.17
N VAL B 207 -3.31 3.54 -0.32
CA VAL B 207 -3.79 2.22 0.07
C VAL B 207 -4.49 2.36 1.41
N THR B 208 -5.62 1.67 1.57
CA THR B 208 -6.36 1.65 2.83
C THR B 208 -6.53 0.21 3.29
N LYS B 209 -6.19 -0.05 4.55
CA LYS B 209 -6.50 -1.28 5.25
C LYS B 209 -7.50 -0.96 6.36
N SER B 210 -8.62 -1.69 6.39
CA SER B 210 -9.69 -1.40 7.33
C SER B 210 -10.27 -2.68 7.95
N PHE B 211 -11.00 -2.50 9.05
CA PHE B 211 -11.81 -3.57 9.63
C PHE B 211 -12.99 -2.95 10.37
N ASN B 212 -14.04 -3.76 10.56
CA ASN B 212 -15.17 -3.41 11.40
C ASN B 212 -15.04 -4.16 12.70
N ARG B 213 -15.01 -3.45 13.82
CA ARG B 213 -14.80 -4.17 15.07
C ARG B 213 -16.02 -5.02 15.34
N PCA C 1 -3.95 -30.51 -31.01
CA PCA C 1 -4.55 -29.21 -31.23
CB PCA C 1 -6.02 -29.22 -30.82
CG PCA C 1 -6.20 -30.40 -29.87
CD PCA C 1 -4.95 -31.18 -30.17
OE PCA C 1 -4.79 -32.33 -29.75
C PCA C 1 -3.77 -28.16 -30.42
O PCA C 1 -3.30 -28.49 -29.31
N VAL C 2 -3.61 -26.94 -30.93
CA VAL C 2 -2.93 -25.92 -30.15
C VAL C 2 -3.83 -25.51 -28.98
N GLN C 3 -3.33 -25.59 -27.76
CA GLN C 3 -4.05 -25.13 -26.57
C GLN C 3 -3.14 -24.25 -25.71
N LEU C 4 -3.69 -23.13 -25.24
CA LEU C 4 -3.03 -22.23 -24.29
C LEU C 4 -3.91 -22.17 -23.05
N VAL C 5 -3.42 -22.68 -21.92
CA VAL C 5 -4.19 -22.76 -20.68
C VAL C 5 -3.49 -21.92 -19.64
N GLN C 6 -4.24 -21.06 -18.97
CA GLN C 6 -3.64 -20.09 -18.06
C GLN C 6 -3.98 -20.42 -16.61
N SER C 7 -3.22 -19.86 -15.69
CA SER C 7 -3.44 -20.11 -14.26
C SER C 7 -4.71 -19.38 -13.77
N GLY C 8 -5.12 -19.72 -12.54
CA GLY C 8 -6.38 -19.23 -12.00
C GLY C 8 -6.30 -17.79 -11.56
N PRO C 9 -7.46 -17.22 -11.23
CA PRO C 9 -7.54 -15.80 -10.87
C PRO C 9 -6.72 -15.44 -9.63
N GLU C 10 -6.31 -14.19 -9.56
CA GLU C 10 -5.42 -13.69 -8.52
C GLU C 10 -5.98 -12.40 -7.92
N VAL C 11 -5.73 -12.24 -6.61
CA VAL C 11 -5.93 -10.98 -5.90
C VAL C 11 -4.57 -10.61 -5.30
N LYS C 12 -4.09 -9.41 -5.60
CA LYS C 12 -2.78 -8.97 -5.12
C LYS C 12 -2.89 -7.54 -4.63
N GLU C 13 -2.06 -7.20 -3.68
CA GLU C 13 -2.17 -5.85 -3.12
C GLU C 13 -1.48 -4.84 -4.04
N PRO C 14 -1.93 -3.58 -4.04
CA PRO C 14 -1.18 -2.53 -4.76
C PRO C 14 0.29 -2.53 -4.35
N GLY C 15 1.15 -2.35 -5.34
CA GLY C 15 2.58 -2.33 -5.11
C GLY C 15 3.24 -3.68 -5.08
N ALA C 16 2.47 -4.77 -5.07
CA ALA C 16 3.02 -6.11 -5.02
C ALA C 16 3.22 -6.64 -6.44
N SER C 17 3.38 -7.96 -6.57
CA SER C 17 3.62 -8.62 -7.84
C SER C 17 2.57 -9.69 -8.08
N VAL C 18 2.30 -9.93 -9.36
CA VAL C 18 1.51 -11.07 -9.79
C VAL C 18 2.31 -11.77 -10.88
N ARG C 19 2.26 -13.11 -10.89
CA ARG C 19 2.84 -13.90 -11.97
C ARG C 19 1.76 -14.81 -12.53
N VAL C 20 1.51 -14.71 -13.84
CA VAL C 20 0.49 -15.53 -14.50
C VAL C 20 1.20 -16.52 -15.42
N SER C 21 0.71 -17.75 -15.46
CA SER C 21 1.30 -18.76 -16.34
C SER C 21 0.38 -19.06 -17.51
N CYS C 22 1.02 -19.46 -18.62
CA CYS C 22 0.37 -19.83 -19.86
C CYS C 22 0.99 -21.14 -20.34
N LYS C 23 0.31 -22.26 -20.12
CA LYS C 23 0.82 -23.56 -20.58
C LYS C 23 0.46 -23.75 -22.05
N ALA C 24 1.46 -23.95 -22.90
CA ALA C 24 1.26 -24.06 -24.34
C ALA C 24 1.49 -25.51 -24.75
N THR C 25 0.48 -26.13 -25.35
CA THR C 25 0.57 -27.51 -25.82
C THR C 25 0.14 -27.59 -27.27
N GLY C 26 0.55 -28.66 -27.93
CA GLY C 26 0.04 -29.00 -29.25
C GLY C 26 0.89 -28.57 -30.41
N TYR C 27 2.09 -28.05 -30.17
CA TYR C 27 3.03 -27.62 -31.19
C TYR C 27 4.40 -27.54 -30.53
N THR C 28 5.42 -27.24 -31.33
CA THR C 28 6.80 -27.07 -30.85
C THR C 28 6.92 -25.72 -30.13
N PHE C 29 7.11 -25.77 -28.80
CA PHE C 29 7.05 -24.58 -27.94
C PHE C 29 7.98 -23.45 -28.43
N THR C 30 9.19 -23.80 -28.87
CA THR C 30 10.17 -22.77 -29.20
C THR C 30 9.99 -22.18 -30.60
N ASP C 31 9.02 -22.68 -31.37
CA ASP C 31 8.79 -22.18 -32.71
C ASP C 31 8.01 -20.86 -32.74
N HIS C 32 7.41 -20.45 -31.63
CA HIS C 32 6.49 -19.34 -31.67
C HIS C 32 6.68 -18.44 -30.47
N PHE C 33 6.56 -17.14 -30.69
CA PHE C 33 6.51 -16.20 -29.57
C PHE C 33 5.22 -16.42 -28.81
N ILE C 34 5.25 -16.10 -27.53
CA ILE C 34 4.04 -15.97 -26.72
C ILE C 34 3.86 -14.48 -26.41
N HIS C 35 2.68 -13.95 -26.72
CA HIS C 35 2.31 -12.57 -26.42
C HIS C 35 1.37 -12.53 -25.23
N TRP C 36 1.35 -11.38 -24.55
CA TRP C 36 0.40 -11.13 -23.48
C TRP C 36 -0.38 -9.86 -23.78
N VAL C 37 -1.69 -9.94 -23.55
CA VAL C 37 -2.67 -8.92 -23.91
C VAL C 37 -3.63 -8.83 -22.74
N ARG C 38 -3.79 -7.64 -22.16
CA ARG C 38 -4.69 -7.45 -21.03
C ARG C 38 -5.92 -6.65 -21.46
N GLN C 39 -6.97 -6.76 -20.63
CA GLN C 39 -8.25 -6.08 -20.89
C GLN C 39 -8.76 -5.61 -19.52
N ALA C 40 -8.61 -4.32 -19.23
CA ALA C 40 -9.15 -3.76 -17.99
C ALA C 40 -10.68 -3.87 -18.00
N PRO C 41 -11.37 -3.70 -16.87
CA PRO C 41 -12.82 -3.90 -16.87
C PRO C 41 -13.53 -2.90 -17.77
N GLY C 42 -14.40 -3.41 -18.64
CA GLY C 42 -15.10 -2.61 -19.62
C GLY C 42 -14.23 -1.99 -20.71
N GLN C 43 -12.93 -2.28 -20.74
CA GLN C 43 -12.02 -1.60 -21.66
C GLN C 43 -11.64 -2.51 -22.84
N GLY C 44 -10.82 -1.98 -23.73
CA GLY C 44 -10.37 -2.69 -24.91
C GLY C 44 -9.12 -3.51 -24.64
N LEU C 45 -8.59 -4.09 -25.71
CA LEU C 45 -7.44 -4.98 -25.65
C LEU C 45 -6.14 -4.17 -25.65
N ASP C 46 -5.17 -4.61 -24.87
CA ASP C 46 -3.97 -3.80 -24.65
C ASP C 46 -2.76 -4.72 -24.62
N TRP C 47 -1.87 -4.57 -25.60
CA TRP C 47 -0.73 -5.45 -25.73
C TRP C 47 0.32 -5.15 -24.67
N MET C 48 0.83 -6.21 -24.05
CA MET C 48 1.71 -6.11 -22.91
C MET C 48 3.14 -6.52 -23.23
N GLY C 49 3.34 -7.31 -24.28
CA GLY C 49 4.68 -7.68 -24.63
C GLY C 49 4.75 -9.09 -25.16
N TRP C 50 5.93 -9.53 -25.59
CA TRP C 50 6.09 -10.90 -26.02
C TRP C 50 7.40 -11.43 -25.48
N ILE C 51 7.49 -12.74 -25.48
CA ILE C 51 8.72 -13.45 -25.20
C ILE C 51 8.95 -14.44 -26.34
N ASN C 52 10.21 -14.59 -26.73
CA ASN C 52 10.64 -15.67 -27.62
C ASN C 52 11.15 -16.82 -26.77
N PRO C 53 10.40 -17.92 -26.67
CA PRO C 53 10.86 -19.06 -25.84
C PRO C 53 12.19 -19.63 -26.28
N PHE C 54 12.65 -19.37 -27.50
CA PHE C 54 13.91 -19.94 -27.97
C PHE C 54 15.05 -19.67 -26.98
N ARG C 55 15.41 -18.40 -26.81
CA ARG C 55 16.39 -18.03 -25.78
C ARG C 55 15.85 -17.01 -24.80
N GLY C 56 14.53 -16.80 -24.74
CA GLY C 56 13.96 -16.00 -23.67
C GLY C 56 13.99 -14.51 -23.89
N GLY C 57 14.34 -14.05 -25.09
CA GLY C 57 14.33 -12.62 -25.35
C GLY C 57 12.93 -12.04 -25.28
N THR C 58 12.83 -10.83 -24.72
CA THR C 58 11.53 -10.21 -24.53
C THR C 58 11.51 -8.82 -25.15
N ASN C 59 10.29 -8.34 -25.34
CA ASN C 59 10.07 -6.97 -25.75
C ASN C 59 8.76 -6.48 -25.16
N TYR C 60 8.79 -5.31 -24.54
CA TYR C 60 7.62 -4.74 -23.86
C TYR C 60 7.36 -3.33 -24.38
N PRO C 61 6.10 -2.87 -24.36
CA PRO C 61 5.82 -1.47 -24.71
C PRO C 61 6.30 -0.54 -23.61
N GLN C 62 6.72 0.66 -24.02
CA GLN C 62 7.31 1.59 -23.07
C GLN C 62 6.35 1.93 -21.94
N LYS C 63 5.04 1.91 -22.22
CA LYS C 63 4.04 2.38 -21.27
C LYS C 63 4.13 1.68 -19.92
N PHE C 64 4.65 0.45 -19.89
CA PHE C 64 4.65 -0.32 -18.66
C PHE C 64 5.90 -0.07 -17.81
N GLN C 65 6.86 0.71 -18.32
CA GLN C 65 7.99 1.22 -17.53
C GLN C 65 8.83 0.10 -16.92
N GLY C 66 9.10 -0.94 -17.71
CA GLY C 66 9.84 -2.08 -17.19
C GLY C 66 9.21 -2.81 -16.02
N ARG C 67 7.89 -2.64 -15.80
CA ARG C 67 7.19 -3.31 -14.69
C ARG C 67 6.76 -4.73 -15.01
N VAL C 68 6.89 -5.16 -16.25
CA VAL C 68 6.49 -6.49 -16.67
C VAL C 68 7.77 -7.27 -16.96
N THR C 69 7.82 -8.49 -16.46
CA THR C 69 8.91 -9.41 -16.72
C THR C 69 8.29 -10.69 -17.26
N MET C 70 8.66 -11.06 -18.47
CA MET C 70 8.17 -12.28 -19.09
C MET C 70 9.27 -13.33 -19.06
N THR C 71 8.90 -14.56 -18.70
CA THR C 71 9.85 -15.68 -18.66
C THR C 71 9.18 -16.92 -19.23
N ARG C 72 9.99 -17.93 -19.53
CA ARG C 72 9.43 -19.21 -19.96
C ARG C 72 10.23 -20.34 -19.34
N ASP C 73 9.56 -21.49 -19.20
CA ASP C 73 10.15 -22.78 -18.85
C ASP C 73 9.89 -23.70 -20.03
N THR C 74 10.89 -23.87 -20.89
CA THR C 74 10.72 -24.67 -22.10
C THR C 74 10.39 -26.12 -21.78
N SER C 75 11.04 -26.67 -20.74
CA SER C 75 10.76 -28.04 -20.35
C SER C 75 9.30 -28.26 -19.94
N PHE C 76 8.60 -27.23 -19.43
CA PHE C 76 7.19 -27.38 -19.13
C PHE C 76 6.29 -26.69 -20.14
N THR C 77 6.87 -26.27 -21.27
CA THR C 77 6.21 -25.48 -22.30
C THR C 77 5.21 -24.48 -21.70
N THR C 78 5.76 -23.59 -20.86
CA THR C 78 4.97 -22.63 -20.13
C THR C 78 5.62 -21.26 -20.18
N ALA C 79 4.84 -20.25 -20.59
CA ALA C 79 5.27 -18.87 -20.57
C ALA C 79 4.74 -18.20 -19.31
N TYR C 80 5.49 -17.26 -18.77
CA TYR C 80 5.08 -16.56 -17.56
C TYR C 80 5.07 -15.05 -17.79
N MET C 81 4.12 -14.37 -17.17
CA MET C 81 4.04 -12.92 -17.23
C MET C 81 3.98 -12.46 -15.78
N GLU C 82 5.02 -11.76 -15.35
CA GLU C 82 5.07 -11.19 -14.02
C GLU C 82 4.85 -9.68 -14.11
N LEU C 83 3.86 -9.17 -13.39
CA LEU C 83 3.65 -7.72 -13.34
C LEU C 83 3.95 -7.23 -11.93
N ASN C 84 4.93 -6.32 -11.83
CA ASN C 84 5.40 -5.82 -10.55
C ASN C 84 4.84 -4.44 -10.25
N ARG C 85 5.01 -4.02 -8.99
CA ARG C 85 4.59 -2.71 -8.51
C ARG C 85 3.15 -2.41 -8.94
N LEU C 86 2.25 -3.34 -8.59
CA LEU C 86 0.90 -3.31 -9.13
C LEU C 86 0.18 -2.04 -8.70
N ARG C 87 -0.66 -1.52 -9.60
CA ARG C 87 -1.52 -0.36 -9.43
C ARG C 87 -2.97 -0.83 -9.46
N SER C 88 -3.87 -0.07 -8.82
CA SER C 88 -5.30 -0.38 -8.93
C SER C 88 -5.72 -0.46 -10.40
N ASP C 89 -5.13 0.39 -11.23
CA ASP C 89 -5.12 0.38 -12.69
C ASP C 89 -4.94 -0.99 -13.32
N ASP C 90 -4.08 -1.81 -12.73
CA ASP C 90 -3.72 -3.05 -13.38
C ASP C 90 -4.81 -4.12 -13.26
N THR C 91 -5.88 -3.87 -12.51
CA THR C 91 -7.02 -4.79 -12.49
C THR C 91 -7.48 -5.07 -13.91
N ALA C 92 -7.43 -6.34 -14.31
CA ALA C 92 -7.70 -6.68 -15.71
C ALA C 92 -7.71 -8.19 -15.88
N VAL C 93 -8.30 -8.62 -17.00
CA VAL C 93 -8.11 -9.98 -17.49
C VAL C 93 -6.85 -10.00 -18.33
N TYR C 94 -5.94 -10.93 -18.04
CA TYR C 94 -4.67 -11.08 -18.74
C TYR C 94 -4.72 -12.34 -19.59
N PHE C 95 -4.55 -12.16 -20.91
CA PHE C 95 -4.53 -13.23 -21.89
C PHE C 95 -3.11 -13.45 -22.39
N CYS C 96 -2.74 -14.71 -22.54
CA CYS C 96 -1.62 -15.01 -23.40
C CYS C 96 -2.15 -15.35 -24.79
N ALA C 97 -1.31 -15.14 -25.80
CA ALA C 97 -1.73 -15.33 -27.17
C ALA C 97 -0.54 -15.83 -27.97
N ARG C 98 -0.85 -16.49 -29.09
CA ARG C 98 0.16 -16.98 -30.01
C ARG C 98 -0.24 -16.65 -31.44
N GLY C 99 0.72 -16.21 -32.24
CA GLY C 99 0.45 -15.93 -33.64
C GLY C 99 0.17 -17.19 -34.44
N LYS C 100 -0.45 -17.00 -35.59
CA LYS C 100 -0.85 -18.16 -36.39
C LYS C 100 0.34 -18.82 -37.07
N ASN C 101 1.31 -18.03 -37.54
CA ASN C 101 2.51 -18.59 -38.13
C ASN C 101 3.69 -17.75 -37.67
N SER C 102 4.87 -18.36 -37.70
CA SER C 102 6.05 -17.74 -37.09
C SER C 102 6.55 -16.53 -37.88
N ASP C 103 6.31 -16.51 -39.18
CA ASP C 103 6.74 -15.39 -40.00
C ASP C 103 6.16 -14.09 -39.49
N TYR C 104 4.84 -14.06 -39.28
CA TYR C 104 4.15 -12.85 -38.82
C TYR C 104 3.67 -13.07 -37.39
N ASN C 105 4.23 -12.33 -36.44
CA ASN C 105 3.94 -12.47 -34.99
C ASN C 105 2.53 -12.03 -34.58
N TRP C 106 1.89 -11.14 -35.34
CA TRP C 106 0.69 -10.42 -34.82
C TRP C 106 -0.73 -10.97 -35.09
N ASP C 107 -0.89 -11.97 -35.93
CA ASP C 107 -2.23 -12.56 -36.15
C ASP C 107 -2.51 -13.55 -35.02
N PHE C 108 -3.19 -13.11 -33.94
CA PHE C 108 -3.33 -13.95 -32.75
C PHE C 108 -4.47 -14.93 -32.97
N GLN C 109 -4.14 -16.03 -33.64
CA GLN C 109 -5.10 -17.11 -33.84
C GLN C 109 -5.44 -17.81 -32.53
N HIS C 110 -4.50 -17.84 -31.57
CA HIS C 110 -4.63 -18.69 -30.40
C HIS C 110 -4.57 -17.84 -29.14
N TRP C 111 -5.52 -18.05 -28.23
CA TRP C 111 -5.61 -17.29 -27.00
C TRP C 111 -5.83 -18.24 -25.83
N GLY C 112 -5.17 -17.92 -24.71
CA GLY C 112 -5.51 -18.52 -23.43
C GLY C 112 -6.91 -18.13 -23.03
N GLN C 113 -7.43 -18.79 -21.99
CA GLN C 113 -8.79 -18.49 -21.55
C GLN C 113 -8.86 -17.21 -20.72
N GLY C 114 -7.70 -16.62 -20.41
CA GLY C 114 -7.64 -15.39 -19.64
C GLY C 114 -7.56 -15.67 -18.15
N THR C 115 -6.86 -14.76 -17.46
CA THR C 115 -6.72 -14.80 -16.00
C THR C 115 -7.09 -13.44 -15.45
N LEU C 116 -8.09 -13.40 -14.60
CA LEU C 116 -8.47 -12.18 -13.93
C LEU C 116 -7.48 -11.86 -12.81
N VAL C 117 -6.87 -10.68 -12.88
CA VAL C 117 -6.02 -10.16 -11.82
C VAL C 117 -6.73 -8.98 -11.16
N THR C 118 -7.04 -9.10 -9.86
CA THR C 118 -7.69 -8.04 -9.09
C THR C 118 -6.66 -7.43 -8.16
N VAL C 119 -6.35 -6.15 -8.36
CA VAL C 119 -5.37 -5.44 -7.54
C VAL C 119 -6.15 -4.68 -6.48
N SER C 120 -6.07 -5.13 -5.23
CA SER C 120 -6.88 -4.54 -4.18
C SER C 120 -6.24 -4.83 -2.84
N SER C 121 -6.45 -3.91 -1.89
CA SER C 121 -6.02 -4.13 -0.51
C SER C 121 -7.12 -4.70 0.37
N ALA C 122 -8.28 -5.04 -0.21
CA ALA C 122 -9.40 -5.57 0.56
C ALA C 122 -9.20 -7.04 0.90
N SER C 123 -9.84 -7.45 1.98
CA SER C 123 -9.91 -8.85 2.37
C SER C 123 -11.29 -9.42 2.02
N THR C 124 -11.32 -10.73 1.85
CA THR C 124 -12.55 -11.46 1.61
C THR C 124 -13.62 -11.11 2.65
N LYS C 125 -14.77 -10.66 2.17
CA LYS C 125 -15.84 -10.22 3.05
C LYS C 125 -17.18 -10.55 2.43
N GLY C 126 -18.06 -11.13 3.24
CA GLY C 126 -19.41 -11.43 2.80
C GLY C 126 -20.27 -10.18 2.77
N PRO C 127 -21.23 -10.15 1.85
CA PRO C 127 -22.05 -8.93 1.70
C PRO C 127 -23.05 -8.79 2.82
N SER C 128 -23.40 -7.53 3.09
CA SER C 128 -24.63 -7.25 3.82
C SER C 128 -25.72 -7.08 2.79
N VAL C 129 -26.91 -7.56 3.10
CA VAL C 129 -28.02 -7.51 2.16
C VAL C 129 -29.21 -6.80 2.80
N PHE C 130 -29.64 -5.70 2.19
CA PHE C 130 -30.76 -4.88 2.65
C PHE C 130 -31.91 -4.89 1.64
N PRO C 131 -33.15 -4.78 2.10
CA PRO C 131 -34.29 -4.74 1.17
C PRO C 131 -34.42 -3.40 0.49
N LEU C 132 -34.74 -3.42 -0.81
CA LEU C 132 -35.23 -2.26 -1.54
C LEU C 132 -36.75 -2.41 -1.57
N ALA C 133 -37.40 -1.90 -0.52
CA ALA C 133 -38.80 -2.21 -0.29
C ALA C 133 -39.69 -1.62 -1.39
N PRO C 134 -40.74 -2.34 -1.80
CA PRO C 134 -41.68 -1.77 -2.78
C PRO C 134 -42.41 -0.58 -2.17
N SER C 135 -42.31 0.57 -2.83
CA SER C 135 -42.91 1.78 -2.30
C SER C 135 -44.45 1.67 -2.32
N SER C 136 -45.08 2.55 -1.52
CA SER C 136 -46.53 2.52 -1.41
C SER C 136 -47.23 3.10 -2.64
N LYS C 137 -46.52 3.87 -3.46
CA LYS C 137 -47.14 4.56 -4.58
C LYS C 137 -47.72 3.59 -5.61
N SER C 138 -47.10 2.43 -5.80
CA SER C 138 -47.61 1.41 -6.69
C SER C 138 -47.11 0.02 -6.27
N GLY C 142 -49.91 -0.49 -12.63
CA GLY C 142 -50.10 -1.68 -11.82
C GLY C 142 -48.86 -2.58 -11.76
N THR C 143 -47.68 -1.97 -11.69
CA THR C 143 -46.43 -2.69 -11.58
C THR C 143 -45.64 -2.10 -10.42
N ALA C 144 -45.05 -2.96 -9.60
CA ALA C 144 -44.19 -2.54 -8.52
C ALA C 144 -42.76 -3.01 -8.77
N ALA C 145 -41.80 -2.18 -8.38
CA ALA C 145 -40.41 -2.58 -8.30
C ALA C 145 -40.03 -2.88 -6.85
N LEU C 146 -39.17 -3.88 -6.67
CA LEU C 146 -38.58 -4.17 -5.38
C LEU C 146 -37.25 -4.84 -5.64
N GLY C 147 -36.41 -4.90 -4.63
CA GLY C 147 -35.10 -5.45 -4.88
C GLY C 147 -34.31 -5.73 -3.63
N CYS C 148 -33.01 -5.95 -3.84
CA CYS C 148 -32.05 -6.16 -2.78
C CYS C 148 -30.78 -5.41 -3.11
N LEU C 149 -30.27 -4.66 -2.15
CA LEU C 149 -28.98 -4.01 -2.26
C LEU C 149 -27.95 -4.90 -1.60
N VAL C 150 -26.97 -5.34 -2.37
CA VAL C 150 -25.98 -6.31 -1.94
C VAL C 150 -24.69 -5.53 -1.75
N LYS C 151 -24.39 -5.14 -0.51
CA LYS C 151 -23.40 -4.11 -0.24
C LYS C 151 -22.14 -4.68 0.42
N ASP C 152 -20.98 -4.14 0.02
CA ASP C 152 -19.71 -4.28 0.74
C ASP C 152 -19.25 -5.74 0.84
N TYR C 153 -18.98 -6.32 -0.33
CA TYR C 153 -18.38 -7.65 -0.38
C TYR C 153 -17.07 -7.56 -1.15
N PHE C 154 -16.28 -8.63 -1.02
CA PHE C 154 -15.04 -8.79 -1.76
C PHE C 154 -14.63 -10.24 -1.66
N PRO C 155 -14.11 -10.85 -2.75
CA PRO C 155 -14.08 -10.23 -4.07
C PRO C 155 -15.31 -10.64 -4.86
N GLU C 156 -15.28 -10.41 -6.16
CA GLU C 156 -16.32 -10.88 -7.06
C GLU C 156 -16.31 -12.40 -7.12
N PRO C 157 -17.44 -13.03 -7.46
CA PRO C 157 -18.74 -12.41 -7.68
C PRO C 157 -19.76 -12.77 -6.60
N VAL C 158 -20.94 -12.14 -6.63
CA VAL C 158 -22.12 -12.68 -5.95
C VAL C 158 -23.06 -13.17 -7.03
N THR C 159 -23.92 -14.12 -6.65
CA THR C 159 -25.03 -14.52 -7.49
C THR C 159 -26.33 -14.18 -6.77
N VAL C 160 -27.30 -13.65 -7.52
CA VAL C 160 -28.59 -13.29 -6.96
C VAL C 160 -29.67 -14.02 -7.73
N SER C 161 -30.50 -14.76 -6.99
CA SER C 161 -31.73 -15.32 -7.50
C SER C 161 -32.91 -14.78 -6.67
N TRP C 162 -34.11 -14.96 -7.21
CA TRP C 162 -35.31 -14.53 -6.53
C TRP C 162 -36.19 -15.76 -6.30
N ASN C 163 -36.66 -15.92 -5.06
CA ASN C 163 -37.50 -17.05 -4.70
C ASN C 163 -36.84 -18.37 -5.08
N SER C 164 -35.53 -18.46 -4.81
CA SER C 164 -34.75 -19.67 -5.06
C SER C 164 -34.85 -20.14 -6.51
N GLY C 165 -34.77 -19.19 -7.44
CA GLY C 165 -34.85 -19.52 -8.85
C GLY C 165 -36.25 -19.72 -9.41
N ALA C 166 -37.28 -19.59 -8.57
CA ALA C 166 -38.65 -19.67 -9.07
C ALA C 166 -39.06 -18.42 -9.83
N LEU C 167 -38.58 -17.25 -9.42
CA LEU C 167 -38.96 -15.98 -10.05
C LEU C 167 -37.85 -15.60 -11.03
N THR C 168 -38.19 -15.60 -12.32
CA THR C 168 -37.22 -15.23 -13.36
C THR C 168 -37.64 -14.01 -14.18
N SER C 169 -38.94 -13.79 -14.34
CA SER C 169 -39.46 -12.70 -15.13
C SER C 169 -39.26 -11.37 -14.40
N GLY C 170 -38.85 -10.35 -15.14
CA GLY C 170 -38.69 -9.00 -14.61
C GLY C 170 -37.45 -8.75 -13.77
N VAL C 171 -36.56 -9.72 -13.65
CA VAL C 171 -35.37 -9.60 -12.80
C VAL C 171 -34.27 -8.87 -13.55
N HIS C 172 -33.63 -7.92 -12.87
CA HIS C 172 -32.37 -7.33 -13.33
C HIS C 172 -31.41 -7.29 -12.17
N THR C 173 -30.27 -7.95 -12.32
CA THR C 173 -29.19 -7.90 -11.36
C THR C 173 -28.06 -7.10 -12.00
N PHE C 174 -27.75 -5.95 -11.41
CA PHE C 174 -26.86 -5.00 -12.04
C PHE C 174 -25.40 -5.44 -11.91
N PRO C 175 -24.55 -5.01 -12.85
CA PRO C 175 -23.11 -5.24 -12.70
C PRO C 175 -22.61 -4.57 -11.44
N ALA C 176 -21.71 -5.26 -10.74
CA ALA C 176 -21.14 -4.77 -9.49
C ALA C 176 -20.40 -3.46 -9.69
N VAL C 177 -20.42 -2.63 -8.66
CA VAL C 177 -19.66 -1.39 -8.65
C VAL C 177 -18.62 -1.47 -7.55
N LEU C 178 -17.43 -0.94 -7.83
CA LEU C 178 -16.35 -0.85 -6.86
C LEU C 178 -16.47 0.47 -6.11
N GLN C 179 -16.69 0.41 -4.80
CA GLN C 179 -16.82 1.63 -4.01
C GLN C 179 -15.45 2.14 -3.57
N SER C 180 -15.41 3.38 -3.10
CA SER C 180 -14.15 3.93 -2.62
C SER C 180 -13.55 3.12 -1.50
N SER C 181 -14.37 2.34 -0.77
CA SER C 181 -13.88 1.41 0.24
C SER C 181 -13.05 0.29 -0.36
N GLY C 182 -13.09 0.09 -1.67
CA GLY C 182 -12.50 -1.09 -2.28
C GLY C 182 -13.36 -2.34 -2.19
N LEU C 183 -14.57 -2.24 -1.63
CA LEU C 183 -15.52 -3.34 -1.59
C LEU C 183 -16.59 -3.14 -2.67
N TYR C 184 -17.10 -4.24 -3.20
CA TYR C 184 -18.10 -4.17 -4.25
C TYR C 184 -19.50 -4.07 -3.66
N SER C 185 -20.38 -3.42 -4.42
CA SER C 185 -21.80 -3.34 -4.09
C SER C 185 -22.60 -3.54 -5.37
N LEU C 186 -23.78 -4.14 -5.20
CA LEU C 186 -24.60 -4.52 -6.34
C LEU C 186 -26.05 -4.39 -5.89
N SER C 187 -26.94 -4.19 -6.86
CA SER C 187 -28.37 -4.31 -6.62
C SER C 187 -28.99 -5.29 -7.58
N SER C 188 -30.00 -5.99 -7.09
CA SER C 188 -30.84 -6.85 -7.91
C SER C 188 -32.27 -6.41 -7.67
N VAL C 189 -33.01 -6.20 -8.76
CA VAL C 189 -34.38 -5.70 -8.68
C VAL C 189 -35.27 -6.66 -9.45
N VAL C 190 -36.57 -6.55 -9.19
CA VAL C 190 -37.57 -7.29 -9.94
C VAL C 190 -38.83 -6.43 -9.96
N THR C 191 -39.55 -6.49 -11.07
CA THR C 191 -40.84 -5.83 -11.19
C THR C 191 -41.91 -6.90 -11.15
N VAL C 192 -42.95 -6.67 -10.35
CA VAL C 192 -44.03 -7.63 -10.15
C VAL C 192 -45.36 -6.89 -10.23
N PRO C 193 -46.46 -7.60 -10.45
CA PRO C 193 -47.77 -6.95 -10.38
C PRO C 193 -48.00 -6.35 -9.00
N SER C 194 -48.42 -5.08 -8.98
CA SER C 194 -48.72 -4.41 -7.73
C SER C 194 -49.68 -5.24 -6.88
N SER C 195 -50.66 -5.87 -7.52
CA SER C 195 -51.71 -6.58 -6.78
C SER C 195 -51.20 -7.83 -6.09
N SER C 196 -49.93 -8.18 -6.25
CA SER C 196 -49.36 -9.32 -5.55
C SER C 196 -48.53 -8.93 -4.33
N LEU C 197 -48.36 -7.64 -4.06
CA LEU C 197 -47.53 -7.23 -2.92
C LEU C 197 -48.10 -7.72 -1.59
N GLY C 198 -49.43 -7.70 -1.44
CA GLY C 198 -50.03 -8.12 -0.19
C GLY C 198 -50.02 -9.61 0.06
N THR C 199 -49.86 -10.42 -1.00
CA THR C 199 -50.08 -11.86 -0.89
C THR C 199 -48.84 -12.69 -1.20
N GLN C 200 -48.03 -12.27 -2.18
CA GLN C 200 -46.91 -13.08 -2.68
C GLN C 200 -45.63 -12.75 -1.94
N THR C 201 -44.89 -13.78 -1.53
CA THR C 201 -43.63 -13.57 -0.85
C THR C 201 -42.48 -13.46 -1.85
N TYR C 202 -41.57 -12.52 -1.57
CA TYR C 202 -40.43 -12.22 -2.44
C TYR C 202 -39.16 -12.25 -1.60
N ILE C 203 -38.30 -13.24 -1.86
CA ILE C 203 -37.01 -13.37 -1.21
C ILE C 203 -35.93 -13.26 -2.27
N CYS C 204 -34.89 -12.48 -1.99
CA CYS C 204 -33.69 -12.50 -2.79
C CYS C 204 -32.68 -13.43 -2.13
N ASN C 205 -32.15 -14.37 -2.89
CA ASN C 205 -31.16 -15.33 -2.43
C ASN C 205 -29.79 -14.92 -2.95
N VAL C 206 -28.88 -14.57 -2.04
CA VAL C 206 -27.57 -14.05 -2.41
C VAL C 206 -26.52 -15.06 -1.99
N ASN C 207 -25.73 -15.54 -2.94
CA ASN C 207 -24.60 -16.42 -2.64
C ASN C 207 -23.30 -15.67 -2.94
N HIS C 208 -22.45 -15.53 -1.91
CA HIS C 208 -21.08 -15.08 -2.09
C HIS C 208 -20.17 -16.25 -1.75
N LYS C 209 -19.65 -16.92 -2.77
CA LYS C 209 -18.94 -18.18 -2.53
C LYS C 209 -17.65 -17.99 -1.74
N PRO C 210 -16.78 -17.00 -2.02
CA PRO C 210 -15.46 -17.00 -1.37
C PRO C 210 -15.52 -16.84 0.15
N SER C 211 -16.59 -16.27 0.68
CA SER C 211 -16.77 -16.15 2.13
C SER C 211 -17.75 -17.18 2.69
N ASN C 212 -18.28 -18.07 1.85
CA ASN C 212 -19.27 -19.05 2.27
C ASN C 212 -20.52 -18.38 2.83
N THR C 213 -20.89 -17.24 2.26
CA THR C 213 -22.07 -16.50 2.68
C THR C 213 -23.23 -16.81 1.74
N LYS C 214 -24.32 -17.33 2.32
CA LYS C 214 -25.62 -17.40 1.68
C LYS C 214 -26.58 -16.59 2.55
N VAL C 215 -27.26 -15.63 1.96
CA VAL C 215 -28.22 -14.81 2.69
C VAL C 215 -29.52 -14.74 1.89
N ASP C 216 -30.63 -15.07 2.54
CA ASP C 216 -31.97 -14.92 1.97
C ASP C 216 -32.66 -13.78 2.69
N LYS C 217 -32.97 -12.72 1.97
CA LYS C 217 -33.64 -11.56 2.55
C LYS C 217 -35.06 -11.49 2.02
N ARG C 218 -36.03 -11.59 2.93
CA ARG C 218 -37.43 -11.30 2.59
C ARG C 218 -37.60 -9.81 2.36
N VAL C 219 -38.15 -9.45 1.20
CA VAL C 219 -38.39 -8.06 0.83
C VAL C 219 -39.89 -7.82 0.86
N GLU C 220 -40.34 -6.99 1.79
CA GLU C 220 -41.76 -6.72 1.99
C GLU C 220 -42.01 -5.21 2.00
N PRO C 221 -43.26 -4.78 1.76
CA PRO C 221 -43.54 -3.33 1.80
C PRO C 221 -43.35 -2.70 3.19
N VAL D 3 -1.49 5.05 -33.10
CA VAL D 3 -2.84 5.07 -32.55
C VAL D 3 -3.83 4.49 -33.58
N MET D 4 -4.77 3.70 -33.09
CA MET D 4 -5.79 3.08 -33.90
C MET D 4 -7.14 3.42 -33.31
N SER D 5 -8.10 3.69 -34.17
CA SER D 5 -9.38 4.24 -33.74
C SER D 5 -10.50 3.43 -34.37
N GLN D 6 -11.52 3.16 -33.57
CA GLN D 6 -12.78 2.60 -34.08
C GLN D 6 -13.92 3.49 -33.62
N SER D 7 -14.75 3.90 -34.59
CA SER D 7 -15.92 4.74 -34.35
C SER D 7 -17.10 4.25 -35.19
N PRO D 8 -18.29 4.07 -34.60
CA PRO D 8 -18.62 4.42 -33.22
C PRO D 8 -18.19 3.35 -32.23
N SER D 9 -18.18 3.68 -30.94
CA SER D 9 -17.88 2.66 -29.95
C SER D 9 -19.00 1.63 -29.83
N SER D 10 -20.20 1.96 -30.31
CA SER D 10 -21.32 1.03 -30.29
C SER D 10 -22.21 1.27 -31.52
N LEU D 11 -22.87 0.21 -31.98
CA LEU D 11 -23.66 0.27 -33.19
C LEU D 11 -24.91 -0.56 -32.96
N ALA D 12 -26.07 0.06 -33.14
CA ALA D 12 -27.36 -0.60 -33.02
C ALA D 12 -27.70 -1.24 -34.36
N VAL D 13 -27.95 -2.54 -34.36
CA VAL D 13 -28.16 -3.27 -35.60
C VAL D 13 -29.54 -3.91 -35.59
N SER D 14 -30.01 -4.27 -36.79
CA SER D 14 -31.19 -5.10 -36.96
C SER D 14 -30.72 -6.44 -37.51
N LEU D 15 -31.16 -7.52 -36.88
CA LEU D 15 -30.72 -8.83 -37.33
C LEU D 15 -31.06 -9.00 -38.81
N GLY D 16 -30.15 -9.63 -39.55
CA GLY D 16 -30.35 -9.91 -40.94
C GLY D 16 -29.79 -8.85 -41.88
N GLU D 17 -29.46 -7.67 -41.39
CA GLU D 17 -28.98 -6.65 -42.32
C GLU D 17 -27.45 -6.65 -42.39
N ARG D 18 -26.93 -5.96 -43.41
CA ARG D 18 -25.51 -5.79 -43.59
C ARG D 18 -24.99 -4.67 -42.70
N ILE D 19 -23.89 -4.93 -42.02
CA ILE D 19 -23.25 -3.97 -41.13
C ILE D 19 -21.82 -3.78 -41.57
N THR D 20 -21.34 -2.54 -41.43
CA THR D 20 -19.98 -2.17 -41.77
C THR D 20 -19.36 -1.48 -40.56
N LEU D 21 -18.27 -2.06 -40.04
CA LEU D 21 -17.50 -1.51 -38.93
C LEU D 21 -16.23 -0.84 -39.46
N SER D 22 -15.89 0.30 -38.89
CA SER D 22 -14.82 1.13 -39.43
C SER D 22 -13.62 1.15 -38.50
N CYS D 23 -12.44 1.24 -39.08
CA CYS D 23 -11.21 1.34 -38.29
C CYS D 23 -10.25 2.28 -39.00
N LYS D 24 -9.56 3.11 -38.21
CA LYS D 24 -8.59 4.08 -38.69
C LYS D 24 -7.25 3.79 -38.03
N SER D 25 -6.20 3.65 -38.84
CA SER D 25 -4.88 3.29 -38.31
C SER D 25 -3.88 4.42 -38.49
N SER D 26 -2.59 4.08 -38.48
CA SER D 26 -1.47 4.99 -38.71
C SER D 26 -0.33 4.20 -39.34
N LEU D 27 0.26 4.74 -40.39
CA LEU D 27 1.41 4.14 -41.06
C LEU D 27 2.19 5.24 -41.76
N THR D 28 3.52 5.15 -41.67
CA THR D 28 4.38 6.22 -42.16
C THR D 28 5.58 5.66 -42.95
N TYR D 38 -2.28 -6.02 -43.84
CA TYR D 38 -1.57 -5.66 -42.62
C TYR D 38 -2.44 -5.71 -41.35
N LEU D 39 -3.75 -5.58 -41.51
CA LEU D 39 -4.68 -5.36 -40.42
C LEU D 39 -5.46 -6.63 -40.06
N ALA D 40 -5.78 -6.79 -38.76
CA ALA D 40 -6.51 -7.95 -38.30
C ALA D 40 -7.75 -7.52 -37.53
N TRP D 41 -8.76 -8.39 -37.56
CA TRP D 41 -10.03 -8.17 -36.89
C TRP D 41 -10.32 -9.33 -35.94
N TYR D 42 -10.78 -9.00 -34.74
CA TYR D 42 -11.15 -10.00 -33.75
C TYR D 42 -12.58 -9.77 -33.30
N GLN D 43 -13.22 -10.85 -32.89
CA GLN D 43 -14.56 -10.82 -32.32
C GLN D 43 -14.44 -11.27 -30.87
N GLN D 44 -15.05 -10.52 -29.96
CA GLN D 44 -15.02 -10.91 -28.54
C GLN D 44 -16.42 -10.81 -27.96
N LYS D 45 -17.00 -11.97 -27.59
CA LYS D 45 -18.28 -12.04 -26.92
C LYS D 45 -18.09 -11.90 -25.42
N PRO D 46 -19.15 -11.61 -24.66
CA PRO D 46 -18.98 -11.32 -23.21
C PRO D 46 -18.30 -12.45 -22.46
N GLY D 47 -17.23 -12.09 -21.76
CA GLY D 47 -16.56 -13.00 -20.85
C GLY D 47 -15.75 -14.11 -21.47
N GLN D 48 -15.39 -14.01 -22.75
CA GLN D 48 -14.52 -15.03 -23.32
C GLN D 48 -13.36 -14.37 -24.06
N SER D 49 -12.46 -15.20 -24.56
CA SER D 49 -11.29 -14.70 -25.25
C SER D 49 -11.66 -14.17 -26.64
N PRO D 50 -10.92 -13.19 -27.14
CA PRO D 50 -11.09 -12.78 -28.54
C PRO D 50 -10.89 -13.94 -29.50
N LYS D 51 -11.40 -13.75 -30.72
CA LYS D 51 -11.40 -14.76 -31.78
C LYS D 51 -10.95 -14.10 -33.07
N LEU D 52 -9.89 -14.62 -33.65
CA LEU D 52 -9.41 -14.08 -34.90
C LEU D 52 -10.44 -14.32 -36.01
N LEU D 53 -10.88 -13.25 -36.67
CA LEU D 53 -11.79 -13.39 -37.81
C LEU D 53 -11.10 -13.15 -39.14
N ILE D 54 -10.30 -12.09 -39.22
CA ILE D 54 -9.70 -11.60 -40.44
C ILE D 54 -8.26 -11.24 -40.13
N TYR D 55 -7.35 -11.59 -41.04
CA TYR D 55 -5.96 -11.15 -40.94
C TYR D 55 -5.51 -10.70 -42.32
N SER D 56 -4.34 -10.06 -42.40
CA SER D 56 -3.85 -9.49 -43.67
C SER D 56 -4.93 -8.66 -44.35
N THR D 57 -5.66 -7.86 -43.55
CA THR D 57 -6.70 -6.93 -44.01
C THR D 57 -7.97 -7.65 -44.49
N SER D 58 -7.83 -8.67 -45.34
CA SER D 58 -9.03 -9.23 -45.97
C SER D 58 -9.03 -10.75 -46.05
N THR D 59 -8.06 -11.45 -45.46
CA THR D 59 -8.10 -12.91 -45.48
C THR D 59 -8.98 -13.41 -44.33
N ARG D 60 -10.01 -14.17 -44.67
CA ARG D 60 -10.85 -14.74 -43.63
C ARG D 60 -10.13 -15.91 -42.97
N GLU D 61 -10.25 -15.98 -41.64
CA GLU D 61 -9.68 -17.09 -40.89
C GLU D 61 -10.46 -18.36 -41.17
N SER D 62 -9.74 -19.48 -41.19
CA SER D 62 -10.37 -20.78 -41.37
C SER D 62 -11.46 -21.01 -40.32
N GLY D 63 -12.59 -21.55 -40.76
CA GLY D 63 -13.71 -21.82 -39.89
C GLY D 63 -14.67 -20.66 -39.65
N VAL D 64 -14.35 -19.46 -40.13
CA VAL D 64 -15.17 -18.27 -39.94
C VAL D 64 -16.16 -18.16 -41.10
N PRO D 65 -17.45 -17.89 -40.84
CA PRO D 65 -18.44 -17.84 -41.94
C PRO D 65 -18.12 -16.76 -42.97
N ASP D 66 -18.43 -17.05 -44.24
CA ASP D 66 -18.07 -16.13 -45.33
C ASP D 66 -18.97 -14.89 -45.37
N ARG D 67 -19.92 -14.75 -44.44
CA ARG D 67 -20.60 -13.47 -44.28
C ARG D 67 -19.69 -12.39 -43.69
N PHE D 68 -18.49 -12.74 -43.23
CA PHE D 68 -17.52 -11.75 -42.76
C PHE D 68 -16.49 -11.44 -43.85
N THR D 69 -16.29 -10.15 -44.12
CA THR D 69 -15.26 -9.69 -45.05
C THR D 69 -14.53 -8.47 -44.49
N GLY D 70 -13.24 -8.37 -44.80
CA GLY D 70 -12.46 -7.19 -44.49
C GLY D 70 -11.96 -6.50 -45.76
N SER D 71 -11.94 -5.17 -45.73
CA SER D 71 -11.33 -4.35 -46.77
C SER D 71 -10.56 -3.24 -46.09
N GLY D 72 -9.83 -2.47 -46.89
CA GLY D 72 -8.93 -1.47 -46.36
C GLY D 72 -7.99 -0.86 -47.39
N SER D 73 -7.83 0.47 -47.36
CA SER D 73 -6.95 1.19 -48.27
C SER D 73 -6.37 2.38 -47.54
N GLY D 74 -5.04 2.49 -47.55
CA GLY D 74 -4.39 3.57 -46.82
C GLY D 74 -4.45 3.33 -45.33
N THR D 75 -5.08 4.25 -44.59
CA THR D 75 -5.28 4.09 -43.16
C THR D 75 -6.72 3.73 -42.82
N ASP D 76 -7.55 3.40 -43.80
CA ASP D 76 -8.98 3.23 -43.61
C ASP D 76 -9.35 1.77 -43.85
N PHE D 77 -9.97 1.15 -42.87
CA PHE D 77 -10.28 -0.27 -42.94
C PHE D 77 -11.72 -0.50 -42.50
N THR D 78 -12.28 -1.60 -42.98
CA THR D 78 -13.66 -1.96 -42.70
C THR D 78 -13.77 -3.45 -42.51
N LEU D 79 -14.66 -3.84 -41.61
CA LEU D 79 -15.14 -5.20 -41.49
C LEU D 79 -16.63 -5.17 -41.79
N THR D 80 -17.07 -6.09 -42.66
CA THR D 80 -18.47 -6.17 -43.07
C THR D 80 -19.04 -7.52 -42.69
N ILE D 81 -20.24 -7.50 -42.11
CA ILE D 81 -21.04 -8.69 -41.83
C ILE D 81 -22.29 -8.62 -42.72
N SER D 82 -22.37 -9.49 -43.73
CA SER D 82 -23.37 -9.26 -44.78
C SER D 82 -24.80 -9.54 -44.33
N SER D 83 -24.99 -10.40 -43.35
CA SER D 83 -26.33 -10.64 -42.81
C SER D 83 -26.11 -10.98 -41.35
N VAL D 84 -26.24 -9.98 -40.49
CA VAL D 84 -25.82 -10.13 -39.11
C VAL D 84 -26.80 -11.06 -38.39
N LYS D 85 -26.25 -12.07 -37.72
CA LYS D 85 -27.00 -12.98 -36.89
C LYS D 85 -26.90 -12.60 -35.41
N ALA D 86 -27.79 -13.18 -34.60
CA ALA D 86 -27.73 -12.96 -33.16
C ALA D 86 -26.39 -13.42 -32.58
N GLU D 87 -25.86 -14.53 -33.07
CA GLU D 87 -24.57 -14.98 -32.60
C GLU D 87 -23.44 -14.00 -32.94
N ASP D 88 -23.69 -13.03 -33.81
CA ASP D 88 -22.67 -12.03 -34.14
C ASP D 88 -22.62 -10.87 -33.15
N LEU D 89 -23.63 -10.71 -32.29
CA LEU D 89 -23.59 -9.62 -31.31
C LEU D 89 -22.38 -9.79 -30.42
N ALA D 90 -21.47 -8.82 -30.46
CA ALA D 90 -20.15 -8.97 -29.89
C ALA D 90 -19.47 -7.62 -29.95
N VAL D 91 -18.28 -7.55 -29.35
CA VAL D 91 -17.37 -6.42 -29.53
C VAL D 91 -16.35 -6.84 -30.57
N TYR D 92 -16.07 -5.94 -31.52
CA TYR D 92 -15.15 -6.19 -32.61
C TYR D 92 -13.95 -5.27 -32.51
N TYR D 93 -12.75 -5.85 -32.66
CA TYR D 93 -11.50 -5.11 -32.56
C TYR D 93 -10.67 -5.21 -33.84
N CYS D 94 -10.08 -4.09 -34.25
CA CYS D 94 -9.03 -4.12 -35.25
C CYS D 94 -7.67 -4.07 -34.57
N GLN D 95 -6.64 -4.52 -35.31
CA GLN D 95 -5.29 -4.63 -34.79
C GLN D 95 -4.27 -4.46 -35.91
N GLN D 96 -3.21 -3.70 -35.63
CA GLN D 96 -2.02 -3.66 -36.46
C GLN D 96 -0.81 -3.75 -35.53
N TYR D 97 -0.01 -4.80 -35.70
CA TYR D 97 1.15 -5.06 -34.84
C TYR D 97 0.72 -4.99 -33.38
N GLU D 98 1.37 -4.13 -32.59
CA GLU D 98 1.17 -4.03 -31.15
C GLU D 98 -0.09 -3.24 -30.76
N TYR D 99 -0.81 -2.66 -31.72
CA TYR D 99 -1.85 -1.69 -31.43
C TYR D 99 -3.24 -2.28 -31.70
N PHE D 100 -4.20 -1.90 -30.88
CA PHE D 100 -5.58 -2.32 -31.01
C PHE D 100 -6.45 -1.08 -31.07
N GLY D 101 -7.47 -1.12 -31.91
CA GLY D 101 -8.54 -0.17 -31.79
C GLY D 101 -9.26 -0.38 -30.48
N GLY D 102 -10.08 0.60 -30.13
CA GLY D 102 -10.81 0.54 -28.89
C GLY D 102 -12.04 -0.32 -28.93
N GLY D 103 -12.40 -0.83 -30.09
CA GLY D 103 -13.46 -1.82 -30.20
C GLY D 103 -14.80 -1.18 -30.55
N THR D 104 -15.65 -1.97 -31.20
CA THR D 104 -17.02 -1.56 -31.48
C THR D 104 -17.97 -2.67 -31.07
N LYS D 105 -18.94 -2.33 -30.22
CA LYS D 105 -19.92 -3.30 -29.76
C LYS D 105 -21.16 -3.27 -30.64
N LEU D 106 -21.66 -4.45 -30.98
CA LEU D 106 -22.93 -4.57 -31.69
C LEU D 106 -24.05 -4.78 -30.68
N GLU D 107 -25.14 -4.04 -30.88
CA GLU D 107 -26.32 -4.19 -30.04
C GLU D 107 -27.55 -4.16 -30.94
N ILE D 108 -28.71 -4.52 -30.37
CA ILE D 108 -29.97 -4.61 -31.11
C ILE D 108 -30.67 -3.26 -31.14
N LYS D 109 -31.00 -2.79 -32.35
CA LYS D 109 -31.80 -1.59 -32.52
C LYS D 109 -33.28 -1.93 -32.25
N ARG D 110 -33.93 -1.12 -31.40
CA ARG D 110 -35.37 -1.16 -31.18
C ARG D 110 -35.90 0.26 -31.08
N THR D 111 -37.21 0.39 -30.89
CA THR D 111 -37.77 1.73 -30.78
C THR D 111 -37.41 2.33 -29.42
N VAL D 112 -37.58 3.65 -29.34
CA VAL D 112 -37.36 4.36 -28.08
C VAL D 112 -38.34 3.85 -27.04
N ALA D 113 -37.85 3.70 -25.80
CA ALA D 113 -38.68 3.32 -24.67
C ALA D 113 -38.26 4.16 -23.47
N ALA D 114 -39.20 4.93 -22.91
CA ALA D 114 -38.90 5.74 -21.74
C ALA D 114 -38.64 4.84 -20.53
N PRO D 115 -37.81 5.29 -19.59
CA PRO D 115 -37.59 4.52 -18.36
C PRO D 115 -38.77 4.63 -17.41
N SER D 116 -39.08 3.52 -16.75
CA SER D 116 -39.99 3.51 -15.61
C SER D 116 -39.13 3.66 -14.35
N VAL D 117 -39.41 4.70 -13.58
CA VAL D 117 -38.50 5.17 -12.54
C VAL D 117 -39.06 4.86 -11.16
N PHE D 118 -38.20 4.30 -10.29
CA PHE D 118 -38.53 3.98 -8.92
C PHE D 118 -37.41 4.47 -8.02
N ILE D 119 -37.77 4.99 -6.84
CA ILE D 119 -36.80 5.40 -5.82
C ILE D 119 -37.01 4.54 -4.58
N PHE D 120 -35.91 4.11 -3.96
CA PHE D 120 -35.96 3.28 -2.75
C PHE D 120 -35.24 4.00 -1.63
N PRO D 121 -35.89 4.25 -0.50
CA PRO D 121 -35.20 4.80 0.66
C PRO D 121 -34.26 3.78 1.26
N PRO D 122 -33.25 4.20 2.00
CA PRO D 122 -32.45 3.23 2.76
C PRO D 122 -33.33 2.50 3.78
N SER D 123 -33.02 1.22 3.98
CA SER D 123 -33.78 0.47 4.96
C SER D 123 -33.37 0.90 6.37
N ASP D 124 -34.28 0.67 7.32
CA ASP D 124 -33.95 0.89 8.72
C ASP D 124 -32.84 -0.04 9.18
N GLU D 125 -32.73 -1.21 8.54
CA GLU D 125 -31.64 -2.10 8.90
C GLU D 125 -30.29 -1.50 8.51
N GLN D 126 -30.20 -0.89 7.33
CA GLN D 126 -28.94 -0.29 6.92
C GLN D 126 -28.61 0.94 7.76
N LEU D 127 -29.60 1.82 8.00
CA LEU D 127 -29.36 2.95 8.89
C LEU D 127 -28.84 2.48 10.23
N LYS D 128 -29.39 1.37 10.73
CA LYS D 128 -28.88 0.78 11.97
C LYS D 128 -27.39 0.49 11.89
N SER D 129 -26.88 0.21 10.68
CA SER D 129 -25.47 -0.09 10.50
C SER D 129 -24.59 1.14 10.33
N GLY D 130 -25.16 2.34 10.20
CA GLY D 130 -24.39 3.57 10.15
C GLY D 130 -24.27 4.23 8.78
N THR D 131 -24.69 3.57 7.70
CA THR D 131 -24.62 4.16 6.37
C THR D 131 -26.02 4.21 5.76
N ALA D 132 -26.17 5.01 4.70
CA ALA D 132 -27.46 5.19 4.04
C ALA D 132 -27.28 5.16 2.54
N SER D 133 -27.93 4.21 1.89
CA SER D 133 -27.90 4.09 0.44
C SER D 133 -29.29 4.40 -0.10
N VAL D 134 -29.37 5.33 -1.04
CA VAL D 134 -30.62 5.67 -1.70
C VAL D 134 -30.49 5.24 -3.15
N VAL D 135 -31.44 4.41 -3.61
CA VAL D 135 -31.35 3.77 -4.91
C VAL D 135 -32.45 4.32 -5.81
N CYS D 136 -32.05 4.74 -7.02
CA CYS D 136 -32.96 5.16 -8.07
C CYS D 136 -32.84 4.15 -9.20
N LEU D 137 -33.96 3.54 -9.57
CA LEU D 137 -34.00 2.49 -10.58
C LEU D 137 -34.67 3.04 -11.84
N LEU D 138 -33.97 2.94 -12.96
CA LEU D 138 -34.50 3.27 -14.29
C LEU D 138 -34.63 1.96 -15.04
N ASN D 139 -35.86 1.54 -15.35
CA ASN D 139 -36.13 0.18 -15.80
C ASN D 139 -36.62 0.17 -17.25
N ASN D 140 -36.03 -0.72 -18.05
CA ASN D 140 -36.52 -1.08 -19.39
C ASN D 140 -36.67 0.14 -20.30
N PHE D 141 -35.55 0.78 -20.59
CA PHE D 141 -35.55 1.94 -21.45
C PHE D 141 -34.60 1.70 -22.61
N TYR D 142 -34.72 2.55 -23.63
CA TYR D 142 -33.95 2.48 -24.86
C TYR D 142 -33.97 3.85 -25.52
N PRO D 143 -32.81 4.36 -25.99
CA PRO D 143 -31.52 3.67 -25.86
C PRO D 143 -30.89 3.87 -24.48
N ARG D 144 -29.60 3.51 -24.38
CA ARG D 144 -28.91 3.46 -23.10
C ARG D 144 -28.71 4.84 -22.50
N GLU D 145 -28.61 5.88 -23.34
CA GLU D 145 -28.28 7.23 -22.87
C GLU D 145 -29.41 7.78 -22.01
N ALA D 146 -29.09 8.05 -20.74
CA ALA D 146 -30.04 8.68 -19.85
C ALA D 146 -29.26 9.56 -18.89
N LYS D 147 -29.95 10.51 -18.28
CA LYS D 147 -29.34 11.39 -17.28
C LYS D 147 -30.13 11.28 -15.99
N VAL D 148 -29.45 10.91 -14.91
CA VAL D 148 -30.00 10.91 -13.57
C VAL D 148 -29.38 12.08 -12.81
N GLN D 149 -30.18 12.76 -11.99
CA GLN D 149 -29.69 13.80 -11.11
C GLN D 149 -30.29 13.60 -9.73
N TRP D 150 -29.45 13.72 -8.72
CA TRP D 150 -29.88 13.60 -7.33
C TRP D 150 -30.11 14.99 -6.74
N LYS D 151 -31.27 15.19 -6.14
CA LYS D 151 -31.58 16.41 -5.39
C LYS D 151 -31.89 16.02 -3.95
N VAL D 152 -31.18 16.63 -3.01
CA VAL D 152 -31.40 16.44 -1.58
C VAL D 152 -31.81 17.79 -1.02
N ASP D 153 -33.06 17.89 -0.54
CA ASP D 153 -33.65 19.17 -0.13
C ASP D 153 -33.48 20.22 -1.23
N ASN D 154 -33.68 19.78 -2.48
CA ASN D 154 -33.59 20.60 -3.68
C ASN D 154 -32.17 21.07 -4.01
N ALA D 155 -31.16 20.60 -3.30
CA ALA D 155 -29.77 20.88 -3.64
C ALA D 155 -29.24 19.76 -4.52
N LEU D 156 -28.71 20.11 -5.69
CA LEU D 156 -28.18 19.13 -6.63
C LEU D 156 -26.94 18.46 -6.04
N GLN D 157 -26.88 17.13 -6.10
CA GLN D 157 -25.74 16.39 -5.62
C GLN D 157 -24.75 16.14 -6.75
N SER D 158 -23.50 15.92 -6.37
CA SER D 158 -22.50 15.43 -7.32
C SER D 158 -21.36 14.81 -6.54
N GLY D 159 -20.83 13.70 -7.07
CA GLY D 159 -19.70 13.02 -6.47
C GLY D 159 -20.04 12.01 -5.38
N ASN D 160 -21.31 11.85 -5.02
CA ASN D 160 -21.69 10.91 -3.98
C ASN D 160 -22.65 9.84 -4.50
N SER D 161 -22.67 9.61 -5.82
CA SER D 161 -23.48 8.55 -6.39
C SER D 161 -22.70 7.74 -7.40
N GLN D 162 -23.15 6.49 -7.60
CA GLN D 162 -22.55 5.59 -8.56
C GLN D 162 -23.66 4.94 -9.38
N GLU D 163 -23.45 4.87 -10.70
CA GLU D 163 -24.41 4.26 -11.62
C GLU D 163 -23.94 2.89 -12.07
N SER D 164 -24.89 2.04 -12.40
CA SER D 164 -24.64 0.74 -12.99
C SER D 164 -25.72 0.48 -14.04
N VAL D 165 -25.36 -0.16 -15.14
CA VAL D 165 -26.29 -0.41 -16.24
C VAL D 165 -26.20 -1.88 -16.61
N THR D 166 -27.36 -2.49 -16.86
CA THR D 166 -27.37 -3.85 -17.38
C THR D 166 -27.02 -3.85 -18.87
N GLU D 167 -26.72 -5.04 -19.38
CA GLU D 167 -26.65 -5.22 -20.81
C GLU D 167 -28.06 -5.37 -21.37
N GLN D 168 -28.17 -5.32 -22.70
CA GLN D 168 -29.46 -5.38 -23.36
C GLN D 168 -30.21 -6.66 -22.97
N ASP D 169 -31.48 -6.50 -22.64
CA ASP D 169 -32.27 -7.60 -22.12
C ASP D 169 -32.84 -8.43 -23.26
N SER D 170 -32.99 -9.74 -23.00
CA SER D 170 -33.43 -10.65 -24.05
C SER D 170 -34.93 -10.55 -24.34
N LYS D 171 -35.74 -10.16 -23.34
CA LYS D 171 -37.18 -10.03 -23.55
C LYS D 171 -37.47 -8.99 -24.62
N ASP D 172 -36.91 -7.78 -24.46
CA ASP D 172 -37.42 -6.61 -25.18
C ASP D 172 -36.32 -5.66 -25.62
N SER D 173 -35.05 -6.06 -25.48
CA SER D 173 -33.88 -5.30 -25.94
C SER D 173 -33.72 -3.98 -25.21
N THR D 174 -34.30 -3.85 -24.03
CA THR D 174 -34.13 -2.59 -23.34
C THR D 174 -32.93 -2.66 -22.39
N TYR D 175 -32.62 -1.51 -21.81
CA TYR D 175 -31.61 -1.40 -20.76
C TYR D 175 -32.28 -1.07 -19.44
N SER D 176 -31.56 -1.32 -18.35
CA SER D 176 -31.95 -0.81 -17.04
C SER D 176 -30.73 -0.21 -16.35
N LEU D 177 -31.00 0.72 -15.44
CA LEU D 177 -29.93 1.53 -14.87
C LEU D 177 -30.30 1.86 -13.43
N SER D 178 -29.31 1.73 -12.55
CA SER D 178 -29.46 2.06 -11.15
C SER D 178 -28.47 3.16 -10.80
N SER D 179 -28.93 4.12 -10.02
CA SER D 179 -28.08 5.15 -9.45
C SER D 179 -28.24 5.12 -7.95
N THR D 180 -27.12 4.98 -7.24
CA THR D 180 -27.15 4.80 -5.79
C THR D 180 -26.46 6.01 -5.15
N LEU D 181 -27.22 6.71 -4.31
CA LEU D 181 -26.67 7.79 -3.49
C LEU D 181 -26.26 7.22 -2.13
N THR D 182 -25.02 7.48 -1.73
CA THR D 182 -24.48 6.90 -0.51
C THR D 182 -24.03 8.01 0.43
N LEU D 183 -24.69 8.10 1.58
CA LEU D 183 -24.37 9.07 2.63
C LEU D 183 -24.04 8.31 3.91
N SER D 184 -23.38 9.01 4.83
CA SER D 184 -23.36 8.53 6.21
C SER D 184 -24.76 8.64 6.82
N LYS D 185 -24.99 7.87 7.88
CA LYS D 185 -26.23 8.04 8.64
C LYS D 185 -26.38 9.49 9.10
N ALA D 186 -25.29 10.09 9.53
CA ALA D 186 -25.34 11.45 10.07
C ALA D 186 -25.75 12.44 8.98
N ASP D 187 -25.15 12.33 7.80
CA ASP D 187 -25.49 13.23 6.70
C ASP D 187 -26.93 13.02 6.25
N TYR D 188 -27.39 11.76 6.21
CA TYR D 188 -28.74 11.47 5.74
C TYR D 188 -29.80 12.03 6.69
N GLU D 189 -29.60 11.87 8.00
CA GLU D 189 -30.59 12.37 8.93
C GLU D 189 -30.60 13.90 9.02
N LYS D 190 -29.68 14.58 8.33
CA LYS D 190 -29.67 16.03 8.28
C LYS D 190 -30.70 16.61 7.33
N HIS D 191 -31.14 15.84 6.33
CA HIS D 191 -31.95 16.36 5.23
C HIS D 191 -33.28 15.62 5.15
N LYS D 192 -34.19 16.20 4.36
CA LYS D 192 -35.59 15.79 4.35
C LYS D 192 -36.03 15.16 3.03
N VAL D 193 -35.99 15.92 1.94
CA VAL D 193 -36.54 15.51 0.66
C VAL D 193 -35.43 14.88 -0.19
N TYR D 194 -35.52 13.58 -0.41
CA TYR D 194 -34.59 12.86 -1.28
C TYR D 194 -35.29 12.59 -2.61
N ALA D 195 -34.66 13.04 -3.71
CA ALA D 195 -35.27 12.91 -5.03
C ALA D 195 -34.23 12.55 -6.08
N CYS D 196 -34.61 11.70 -7.04
CA CYS D 196 -33.84 11.51 -8.27
C CYS D 196 -34.66 11.98 -9.47
N GLU D 197 -34.04 12.77 -10.34
CA GLU D 197 -34.68 13.31 -11.53
C GLU D 197 -34.09 12.67 -12.78
N VAL D 198 -34.94 12.22 -13.68
CA VAL D 198 -34.51 11.38 -14.80
C VAL D 198 -34.86 12.08 -16.11
N THR D 199 -33.85 12.26 -16.96
CA THR D 199 -34.05 12.73 -18.33
C THR D 199 -33.75 11.59 -19.30
N HIS D 200 -34.58 11.47 -20.34
CA HIS D 200 -34.32 10.44 -21.34
C HIS D 200 -35.09 10.79 -22.60
N GLN D 201 -34.56 10.32 -23.73
CA GLN D 201 -35.15 10.57 -25.03
C GLN D 201 -36.66 10.28 -25.06
N GLY D 202 -37.09 9.23 -24.37
CA GLY D 202 -38.49 8.83 -24.39
C GLY D 202 -39.43 9.63 -23.53
N LEU D 203 -38.89 10.51 -22.70
CA LEU D 203 -39.68 11.32 -21.78
C LEU D 203 -39.77 12.74 -22.34
N SER D 204 -40.97 13.27 -22.47
CA SER D 204 -41.11 14.63 -22.99
C SER D 204 -40.77 15.69 -21.95
N SER D 205 -40.80 15.33 -20.66
CA SER D 205 -40.32 16.21 -19.61
C SER D 205 -39.76 15.35 -18.49
N PRO D 206 -38.77 15.85 -17.74
CA PRO D 206 -38.06 15.00 -16.77
C PRO D 206 -39.03 14.42 -15.76
N VAL D 207 -38.70 13.22 -15.27
CA VAL D 207 -39.49 12.49 -14.30
C VAL D 207 -38.76 12.53 -12.97
N THR D 208 -39.51 12.79 -11.90
CA THR D 208 -38.90 12.86 -10.58
C THR D 208 -39.61 11.89 -9.64
N LYS D 209 -38.83 11.11 -8.91
CA LYS D 209 -39.31 10.27 -7.84
C LYS D 209 -38.61 10.71 -6.57
N SER D 210 -39.38 10.84 -5.48
CA SER D 210 -38.87 11.40 -4.25
C SER D 210 -39.53 10.75 -3.04
N PHE D 211 -38.97 11.05 -1.88
CA PHE D 211 -39.60 10.69 -0.62
C PHE D 211 -39.06 11.64 0.45
N ASN D 212 -39.79 11.74 1.56
CA ASN D 212 -39.44 12.56 2.69
C ASN D 212 -39.05 11.67 3.87
N ARG D 213 -38.01 12.10 4.59
CA ARG D 213 -37.55 11.60 5.91
C ARG D 213 -36.07 11.23 5.80
C1 EDO E . 10.75 9.82 29.63
O1 EDO E . 11.69 8.78 29.31
C2 EDO E . 9.46 9.22 30.17
O2 EDO E . 8.66 10.30 30.67
C1 EDO F . 44.65 21.21 35.46
O1 EDO F . 45.67 20.32 35.96
C2 EDO F . 45.23 22.47 34.83
O2 EDO F . 44.53 22.79 33.63
C1 EDO G . 28.64 21.59 20.27
O1 EDO G . 29.90 21.10 20.76
C2 EDO G . 28.49 21.31 18.77
O2 EDO G . 27.09 21.22 18.46
C1 EDO H . 8.27 -5.17 -0.75
O1 EDO H . 9.60 -4.94 -0.27
C2 EDO H . 7.30 -5.37 0.43
O2 EDO H . 6.72 -4.13 0.78
C1 EDO I . 44.66 18.97 1.85
O1 EDO I . 45.17 18.11 0.84
C2 EDO I . 43.48 19.77 1.32
O2 EDO I . 42.88 20.46 2.41
C1 EDO J . 39.05 18.59 16.06
O1 EDO J . 39.79 17.41 16.35
C2 EDO J . 40.01 19.67 15.63
O2 EDO J . 39.40 20.91 15.97
C1 EDO K . 3.90 -16.04 -33.87
O1 EDO K . 4.00 -17.18 -34.73
C2 EDO K . 3.80 -16.57 -32.43
O2 EDO K . 3.32 -15.53 -31.57
C1 EDO L . -18.66 -16.85 -35.60
O1 EDO L . -17.39 -16.31 -35.21
C2 EDO L . -19.69 -15.77 -35.95
O2 EDO L . -20.23 -15.11 -34.78
C1 EDO M . -40.86 -1.36 -15.28
O1 EDO M . -41.76 -2.23 -14.61
C2 EDO M . -40.86 -1.72 -16.76
O2 EDO M . -40.65 -0.52 -17.54
C1 EDO N . -14.39 -9.88 -21.72
O1 EDO N . -14.86 -10.87 -22.62
C2 EDO N . -15.25 -8.62 -21.80
O2 EDO N . -16.56 -8.96 -21.35
#